data_4ZTO
#
_entry.id   4ZTO
#
_cell.length_a   72.283
_cell.length_b   84.831
_cell.length_c   167.237
_cell.angle_alpha   90.00
_cell.angle_beta   90.00
_cell.angle_gamma   90.00
#
_symmetry.space_group_name_H-M   'P 21 21 21'
#
loop_
_entity.id
_entity.type
_entity.pdbx_description
1 polymer 'RABBIT MONOCLONAL ANTIBODY R53 FAB LIGHT CHAIN'
2 polymer 'RABBIT MONOCLONAL ANTIBODY R53 FAB HEAVY CHAIN'
3 polymer 'Epitope of rabbit monoclonal antibody R53'
4 water water
#
loop_
_entity_poly.entity_id
_entity_poly.type
_entity_poly.pdbx_seq_one_letter_code
_entity_poly.pdbx_strand_id
1 'polypeptide(L)'
;GPVLTQTPPSASEPVGGTVTIKCQASQAIDEYLGWYQQKPGQRPKLLMYYASTLASGVPSRFKGSGSGTQFTLTISDLEC
ADAATYYCQNYYVGSSTNYAFTFGGGTEVVVKGDPVAPTVLIFPPAADQVATGTVTIVCVANKYFPDVTVTWEVDGTTQT
TGIENSKTPQNSADCTYNLSSTLTLTSTQYNSHKEYTCKVTQGTTSVVQSFNRGDC
;
L,M
2 'polypeptide(L)'
;QSLEESGGGPVKPGGTLTLTCKASGIDFSSFYYMCWVRQAPGKGLEWIACIVTDITGESYYATWAKGRFAISKTSSTTVT
LQMTSLTAADTATYFCARGDTYGYGDTVYALNLWGPGTLVTVSSGQPKAPSVFPLAPCCGDTPSSTVTLGCLVKGYLPEP
VTVTWNSGTLTNGVRTFPSVRQSSGLYSLSSVVSVTSSSQPVTCNVAHPATNTKVDKTVAPST
;
H,I
3 'polypeptide(L)' VGKAMYAPPIRGQIR P,Q
#
# COMPACT_ATOMS: atom_id res chain seq x y z
N GLY A 1 -35.05 -12.50 34.42
CA GLY A 1 -33.62 -12.45 34.74
C GLY A 1 -32.86 -13.77 34.76
N PRO A 2 -31.69 -13.77 35.43
CA PRO A 2 -31.18 -12.63 36.20
C PRO A 2 -30.58 -11.54 35.32
N VAL A 3 -31.11 -10.33 35.45
CA VAL A 3 -30.59 -9.16 34.74
C VAL A 3 -29.61 -8.42 35.64
N LEU A 4 -28.42 -8.14 35.14
CA LEU A 4 -27.44 -7.40 35.93
C LEU A 4 -27.40 -5.91 35.61
N THR A 5 -27.47 -5.06 36.63
CA THR A 5 -27.35 -3.62 36.41
C THR A 5 -26.22 -3.08 37.29
N GLN A 6 -25.47 -2.14 36.73
CA GLN A 6 -24.32 -1.58 37.43
C GLN A 6 -24.52 -0.09 37.73
N THR A 7 -24.08 0.33 38.92
CA THR A 7 -24.00 1.72 39.32
C THR A 7 -22.65 1.98 40.03
N PRO A 8 -22.02 3.13 39.78
CA PRO A 8 -22.53 4.21 38.91
C PRO A 8 -22.13 3.92 37.47
N PRO A 9 -22.66 4.67 36.50
CA PRO A 9 -22.19 4.43 35.13
C PRO A 9 -20.71 4.82 34.95
N SER A 10 -20.22 5.71 35.80
CA SER A 10 -18.86 6.19 35.70
C SER A 10 -18.33 6.63 37.06
N ALA A 11 -17.06 6.37 37.33
CA ALA A 11 -16.46 6.81 38.58
C ALA A 11 -15.13 7.47 38.30
N SER A 12 -14.85 8.54 39.03
CA SER A 12 -13.58 9.23 38.89
C SER A 12 -12.91 9.44 40.25
N GLU A 13 -11.71 8.87 40.42
CA GLU A 13 -10.96 8.93 41.68
C GLU A 13 -9.46 9.17 41.48
N PRO A 14 -8.81 9.82 42.45
CA PRO A 14 -7.38 10.05 42.34
C PRO A 14 -6.57 8.80 42.59
N VAL A 15 -5.39 8.72 41.97
CA VAL A 15 -4.39 7.71 42.28
C VAL A 15 -4.29 7.54 43.80
N GLY A 16 -4.24 6.30 44.28
CA GLY A 16 -4.16 6.00 45.70
C GLY A 16 -5.51 5.96 46.41
N GLY A 17 -6.56 6.35 45.70
CA GLY A 17 -7.89 6.38 46.27
C GLY A 17 -8.64 5.06 46.18
N THR A 18 -9.94 5.11 46.46
CA THR A 18 -10.74 3.89 46.46
C THR A 18 -11.97 4.07 45.60
N VAL A 19 -12.28 3.03 44.83
CA VAL A 19 -13.51 3.02 44.03
C VAL A 19 -14.34 1.80 44.36
N THR A 20 -15.64 2.01 44.55
CA THR A 20 -16.56 0.91 44.79
C THR A 20 -17.61 0.85 43.68
N ILE A 21 -17.66 -0.28 42.99
CA ILE A 21 -18.61 -0.49 41.90
C ILE A 21 -19.68 -1.47 42.36
N LYS A 22 -20.93 -1.16 42.06
CA LYS A 22 -22.03 -1.95 42.56
C LYS A 22 -22.69 -2.74 41.43
N CYS A 23 -22.97 -4.01 41.70
CA CYS A 23 -23.69 -4.87 40.76
C CYS A 23 -24.95 -5.46 41.39
N GLN A 24 -26.09 -5.22 40.74
CA GLN A 24 -27.35 -5.78 41.21
C GLN A 24 -27.88 -6.86 40.28
N ALA A 25 -28.24 -8.01 40.84
CA ALA A 25 -28.87 -9.08 40.09
C ALA A 25 -30.36 -9.03 40.38
N SER A 26 -31.18 -9.03 39.33
CA SER A 26 -32.63 -8.87 39.49
C SER A 26 -33.24 -10.06 40.22
N GLN A 27 -32.47 -11.13 40.38
CA GLN A 27 -32.93 -12.24 41.19
C GLN A 27 -31.73 -12.94 41.78
N ALA A 28 -31.94 -13.71 42.84
CA ALA A 28 -30.85 -14.33 43.58
C ALA A 28 -30.00 -15.25 42.71
N ILE A 29 -28.69 -15.10 42.81
CA ILE A 29 -27.75 -15.92 42.05
C ILE A 29 -26.61 -16.50 42.92
N ASP A 30 -26.86 -16.62 44.22
CA ASP A 30 -25.83 -17.03 45.18
C ASP A 30 -24.56 -16.19 45.00
N GLU A 31 -23.43 -16.82 44.67
CA GLU A 31 -22.21 -16.08 44.43
C GLU A 31 -21.69 -16.35 43.02
N TYR A 32 -22.59 -16.72 42.11
CA TYR A 32 -22.17 -17.08 40.76
C TYR A 32 -21.90 -15.84 39.90
N LEU A 33 -20.89 -15.06 40.30
CA LEU A 33 -20.72 -13.70 39.79
C LEU A 33 -19.23 -13.42 39.56
N GLY A 34 -18.88 -13.05 38.34
CA GLY A 34 -17.52 -12.67 38.02
C GLY A 34 -17.38 -11.19 37.69
N TRP A 35 -16.17 -10.66 37.87
CA TRP A 35 -15.82 -9.29 37.50
C TRP A 35 -14.72 -9.29 36.45
N TYR A 36 -14.81 -8.38 35.51
CA TYR A 36 -13.83 -8.27 34.43
C TYR A 36 -13.34 -6.84 34.27
N GLN A 37 -12.07 -6.72 33.86
CA GLN A 37 -11.46 -5.44 33.51
C GLN A 37 -11.31 -5.38 32.00
N GLN A 38 -11.71 -4.26 31.40
CA GLN A 38 -11.45 -4.05 29.98
C GLN A 38 -10.98 -2.64 29.68
N LYS A 39 -9.76 -2.53 29.17
CA LYS A 39 -9.21 -1.26 28.73
C LYS A 39 -9.52 -1.06 27.24
N PRO A 40 -9.74 0.20 26.83
CA PRO A 40 -10.11 0.53 25.44
C PRO A 40 -9.22 -0.16 24.43
N GLY A 41 -9.82 -0.87 23.49
CA GLY A 41 -9.05 -1.53 22.46
C GLY A 41 -8.40 -2.83 22.87
N GLN A 42 -8.70 -3.33 24.07
CA GLN A 42 -8.17 -4.63 24.49
C GLN A 42 -9.27 -5.61 24.85
N ARG A 43 -8.90 -6.88 25.00
CA ARG A 43 -9.86 -7.91 25.39
C ARG A 43 -10.20 -7.77 26.87
N PRO A 44 -11.36 -8.31 27.30
CA PRO A 44 -11.69 -8.40 28.72
C PRO A 44 -10.70 -9.26 29.51
N LYS A 45 -10.55 -8.94 30.78
CA LYS A 45 -9.66 -9.69 31.65
C LYS A 45 -10.37 -10.08 32.94
N LEU A 46 -10.35 -11.38 33.24
CA LEU A 46 -10.98 -11.86 34.46
C LEU A 46 -10.22 -11.38 35.68
N LEU A 47 -10.92 -10.70 36.59
CA LEU A 47 -10.31 -10.26 37.84
C LEU A 47 -10.74 -11.15 39.00
N MET A 48 -12.01 -11.53 38.99
CA MET A 48 -12.66 -12.06 40.18
C MET A 48 -13.74 -13.05 39.79
N TYR A 49 -13.83 -14.18 40.49
CA TYR A 49 -14.93 -15.10 40.26
C TYR A 49 -15.45 -15.62 41.58
N TYR A 50 -16.63 -16.25 41.54
CA TYR A 50 -17.38 -16.64 42.73
C TYR A 50 -17.47 -15.45 43.70
N ALA A 51 -17.75 -14.29 43.11
CA ALA A 51 -17.95 -13.00 43.81
C ALA A 51 -16.67 -12.46 44.48
N SER A 52 -15.87 -13.31 45.12
CA SER A 52 -14.76 -12.78 45.90
C SER A 52 -13.43 -13.50 45.73
N THR A 53 -13.38 -14.54 44.89
CA THR A 53 -12.10 -15.21 44.65
C THR A 53 -11.27 -14.49 43.58
N LEU A 54 -10.07 -14.05 43.97
CA LEU A 54 -9.16 -13.32 43.08
C LEU A 54 -8.60 -14.24 42.02
N ALA A 55 -8.70 -13.84 40.75
CA ALA A 55 -8.04 -14.62 39.70
C ALA A 55 -6.53 -14.54 39.88
N SER A 56 -5.83 -15.59 39.45
CA SER A 56 -4.39 -15.60 39.58
C SER A 56 -3.78 -14.39 38.88
N GLY A 57 -2.84 -13.75 39.55
CA GLY A 57 -2.13 -12.63 38.96
C GLY A 57 -2.66 -11.29 39.42
N VAL A 58 -3.93 -11.27 39.81
CA VAL A 58 -4.60 -10.03 40.17
C VAL A 58 -4.20 -9.56 41.57
N PRO A 59 -3.81 -8.28 41.69
CA PRO A 59 -3.36 -7.66 42.94
C PRO A 59 -4.41 -7.72 44.04
N SER A 60 -3.95 -7.80 45.28
CA SER A 60 -4.83 -7.98 46.43
C SER A 60 -5.70 -6.75 46.75
N ARG A 61 -5.39 -5.61 46.16
CA ARG A 61 -6.17 -4.39 46.37
C ARG A 61 -7.50 -4.44 45.60
N PHE A 62 -7.67 -5.45 44.76
CA PHE A 62 -8.98 -5.74 44.20
C PHE A 62 -9.71 -6.66 45.16
N LYS A 63 -10.87 -6.23 45.63
CA LYS A 63 -11.64 -7.00 46.59
C LYS A 63 -13.07 -7.21 46.12
N GLY A 64 -13.47 -8.45 45.95
CA GLY A 64 -14.82 -8.73 45.52
C GLY A 64 -15.68 -9.09 46.73
N SER A 65 -16.95 -8.78 46.66
CA SER A 65 -17.84 -9.09 47.78
C SER A 65 -19.30 -9.20 47.30
N GLY A 66 -20.15 -9.76 48.16
CA GLY A 66 -21.56 -9.82 47.90
C GLY A 66 -22.18 -11.21 47.70
N SER A 67 -23.52 -11.23 47.65
CA SER A 67 -24.25 -12.49 47.60
C SER A 67 -25.72 -12.24 47.27
N GLY A 68 -26.39 -13.25 46.71
CA GLY A 68 -27.78 -13.08 46.35
C GLY A 68 -27.98 -12.10 45.21
N THR A 69 -28.26 -10.84 45.53
CA THR A 69 -28.59 -9.85 44.52
C THR A 69 -27.68 -8.62 44.54
N GLN A 70 -26.76 -8.55 45.50
CA GLN A 70 -25.90 -7.37 45.58
C GLN A 70 -24.43 -7.78 45.63
N PHE A 71 -23.63 -7.11 44.81
CA PHE A 71 -22.21 -7.40 44.73
C PHE A 71 -21.43 -6.10 44.60
N THR A 72 -20.19 -6.11 45.07
CA THR A 72 -19.30 -4.97 44.88
C THR A 72 -17.92 -5.40 44.43
N LEU A 73 -17.32 -4.57 43.59
CA LEU A 73 -15.90 -4.63 43.31
C LEU A 73 -15.33 -3.35 43.90
N THR A 74 -14.41 -3.50 44.83
CA THR A 74 -13.82 -2.38 45.50
C THR A 74 -12.36 -2.35 45.13
N ILE A 75 -11.92 -1.25 44.51
CA ILE A 75 -10.53 -1.09 44.15
C ILE A 75 -9.87 -0.10 45.09
N SER A 76 -8.93 -0.59 45.89
CA SER A 76 -8.16 0.26 46.79
C SER A 76 -6.85 0.69 46.15
N ASP A 77 -6.25 1.76 46.66
CA ASP A 77 -4.91 2.19 46.24
C ASP A 77 -4.79 2.28 44.72
N LEU A 78 -5.76 2.97 44.11
CA LEU A 78 -5.84 3.14 42.65
C LEU A 78 -4.52 3.46 42.01
N GLU A 79 -4.21 2.71 40.96
CA GLU A 79 -3.11 3.07 40.08
C GLU A 79 -3.70 3.52 38.74
N CYS A 80 -2.91 4.28 37.98
CA CYS A 80 -3.25 4.64 36.61
C CYS A 80 -3.57 3.41 35.77
N ALA A 81 -2.89 2.30 36.06
CA ALA A 81 -3.13 1.02 35.42
C ALA A 81 -4.55 0.49 35.66
N ASP A 82 -5.32 1.16 36.51
CA ASP A 82 -6.66 0.70 36.81
C ASP A 82 -7.73 1.39 35.96
N ALA A 83 -7.31 2.35 35.15
CA ALA A 83 -8.22 3.08 34.28
C ALA A 83 -8.80 2.14 33.24
N ALA A 84 -10.10 1.88 33.35
CA ALA A 84 -10.77 0.92 32.48
C ALA A 84 -12.26 0.90 32.73
N THR A 85 -12.95 0.05 31.97
CA THR A 85 -14.35 -0.25 32.22
C THR A 85 -14.46 -1.62 32.88
N TYR A 86 -15.30 -1.73 33.90
CA TYR A 86 -15.43 -2.97 34.66
C TYR A 86 -16.83 -3.56 34.51
N TYR A 87 -16.90 -4.86 34.26
CA TYR A 87 -18.18 -5.55 34.06
C TYR A 87 -18.37 -6.70 35.04
N CYS A 88 -19.57 -6.81 35.60
CA CYS A 88 -19.94 -8.01 36.31
C CYS A 88 -20.61 -8.97 35.32
N GLN A 89 -20.58 -10.26 35.63
CA GLN A 89 -21.20 -11.28 34.77
C GLN A 89 -21.77 -12.45 35.57
N ASN A 90 -22.93 -12.91 35.14
CA ASN A 90 -23.45 -14.22 35.54
C ASN A 90 -22.61 -15.31 34.97
N TYR A 91 -22.33 -16.33 35.77
CA TYR A 91 -21.71 -17.52 35.23
C TYR A 91 -22.27 -18.71 35.97
N TYR A 92 -23.28 -19.33 35.36
CA TYR A 92 -24.00 -20.42 36.00
C TYR A 92 -24.68 -21.37 35.04
N VAL A 93 -24.45 -22.66 35.21
CA VAL A 93 -25.25 -23.68 34.53
C VAL A 93 -25.73 -24.72 35.55
N GLY A 94 -27.04 -24.75 35.78
CA GLY A 94 -27.62 -25.68 36.73
C GLY A 94 -28.32 -26.84 36.05
N SER A 95 -28.70 -26.64 34.79
CA SER A 95 -29.30 -27.69 33.97
C SER A 95 -29.27 -27.26 32.52
N SER A 96 -29.86 -28.06 31.65
CA SER A 96 -29.84 -27.76 30.22
C SER A 96 -30.70 -26.54 29.90
N THR A 97 -31.53 -26.13 30.84
CA THR A 97 -32.44 -25.01 30.60
C THR A 97 -32.38 -23.98 31.73
N ASN A 98 -31.46 -24.17 32.65
CA ASN A 98 -31.27 -23.26 33.76
C ASN A 98 -29.83 -22.73 33.79
N TYR A 99 -29.62 -21.59 33.15
CA TYR A 99 -28.29 -21.06 32.98
C TYR A 99 -28.30 -19.55 32.85
N ALA A 100 -27.18 -18.93 33.17
CA ALA A 100 -27.03 -17.47 33.03
C ALA A 100 -25.58 -17.08 32.69
N PHE A 101 -25.42 -16.29 31.63
CA PHE A 101 -24.09 -15.82 31.23
C PHE A 101 -24.01 -14.30 30.96
N THR A 102 -25.11 -13.58 31.14
CA THR A 102 -25.14 -12.18 30.74
C THR A 102 -24.30 -11.25 31.60
N PHE A 103 -23.79 -10.21 30.99
CA PHE A 103 -22.98 -9.23 31.68
C PHE A 103 -23.85 -8.08 32.17
N GLY A 104 -23.33 -7.34 33.15
CA GLY A 104 -23.91 -6.06 33.50
C GLY A 104 -23.51 -5.02 32.47
N GLY A 105 -23.98 -3.79 32.63
CA GLY A 105 -23.78 -2.75 31.63
C GLY A 105 -22.40 -2.11 31.64
N GLY A 106 -21.64 -2.32 32.70
CA GLY A 106 -20.31 -1.74 32.77
C GLY A 106 -20.21 -0.41 33.52
N THR A 107 -19.06 -0.21 34.14
CA THR A 107 -18.72 1.02 34.84
C THR A 107 -17.34 1.47 34.40
N GLU A 108 -17.24 2.70 33.91
CA GLU A 108 -15.96 3.27 33.56
C GLU A 108 -15.33 3.91 34.79
N VAL A 109 -14.08 3.55 35.05
CA VAL A 109 -13.30 4.21 36.09
C VAL A 109 -12.22 5.09 35.45
N VAL A 110 -12.28 6.37 35.74
CA VAL A 110 -11.24 7.29 35.34
C VAL A 110 -10.33 7.58 36.52
N VAL A 111 -9.03 7.41 36.32
CA VAL A 111 -8.09 7.64 37.41
C VAL A 111 -7.41 8.99 37.28
N LYS A 112 -7.60 9.84 38.29
CA LYS A 112 -7.00 11.17 38.31
C LYS A 112 -5.54 11.19 38.82
N GLY A 113 -4.61 11.26 37.87
CA GLY A 113 -3.19 11.34 38.18
C GLY A 113 -2.69 12.76 38.33
N ASP A 114 -1.37 12.93 38.33
CA ASP A 114 -0.77 14.26 38.46
C ASP A 114 -1.05 15.12 37.22
N PRO A 115 -1.40 16.40 37.42
CA PRO A 115 -1.62 17.33 36.31
C PRO A 115 -0.36 17.58 35.47
N VAL A 116 -0.50 17.37 34.17
CA VAL A 116 0.55 17.62 33.18
C VAL A 116 -0.08 18.44 32.04
N ALA A 117 0.55 19.56 31.72
CA ALA A 117 0.09 20.42 30.65
C ALA A 117 0.51 19.85 29.30
N PRO A 118 -0.32 20.04 28.26
CA PRO A 118 0.02 19.48 26.94
C PRO A 118 1.03 20.31 26.16
N THR A 119 1.84 19.66 25.34
CA THR A 119 2.50 20.34 24.24
C THR A 119 1.66 20.04 23.01
N VAL A 120 1.73 20.93 22.02
CA VAL A 120 0.84 20.87 20.86
C VAL A 120 1.62 20.91 19.54
N LEU A 121 1.28 20.03 18.61
CA LEU A 121 1.85 19.99 17.26
C LEU A 121 0.76 20.20 16.22
N ILE A 122 1.08 20.92 15.14
CA ILE A 122 0.14 21.07 14.03
C ILE A 122 0.83 20.62 12.74
N PHE A 123 0.07 19.94 11.89
CA PHE A 123 0.62 19.40 10.65
C PHE A 123 -0.19 19.90 9.48
N PRO A 124 0.41 20.77 8.67
CA PRO A 124 -0.23 21.26 7.43
C PRO A 124 -0.44 20.06 6.48
N PRO A 125 -1.37 20.19 5.52
CA PRO A 125 -1.68 19.04 4.67
C PRO A 125 -0.55 18.68 3.72
N ALA A 126 -0.22 17.40 3.59
CA ALA A 126 0.75 16.95 2.58
C ALA A 126 0.38 17.51 1.20
N ALA A 127 1.40 17.74 0.38
CA ALA A 127 1.21 18.33 -0.95
C ALA A 127 0.15 17.64 -1.81
N ASP A 128 0.01 16.33 -1.67
CA ASP A 128 -0.92 15.62 -2.55
C ASP A 128 -2.34 15.53 -2.02
N GLN A 129 -2.67 16.29 -0.97
CA GLN A 129 -4.05 16.30 -0.47
C GLN A 129 -4.93 17.20 -1.32
N VAL A 130 -4.44 18.41 -1.62
CA VAL A 130 -5.28 19.43 -2.22
C VAL A 130 -5.94 18.98 -3.52
N ALA A 131 -5.22 18.22 -4.33
CA ALA A 131 -5.74 17.77 -5.62
C ALA A 131 -6.94 16.84 -5.48
N THR A 132 -7.15 16.32 -4.28
CA THR A 132 -8.29 15.42 -4.03
C THR A 132 -9.60 16.19 -3.84
N GLY A 133 -9.53 17.52 -3.76
CA GLY A 133 -10.71 18.32 -3.50
C GLY A 133 -10.96 18.65 -2.04
N THR A 134 -10.39 17.85 -1.13
CA THR A 134 -10.46 18.15 0.30
C THR A 134 -9.11 18.11 1.01
N VAL A 135 -9.00 18.88 2.08
CA VAL A 135 -7.76 18.97 2.82
C VAL A 135 -8.03 18.71 4.31
N THR A 136 -7.19 17.88 4.92
CA THR A 136 -7.33 17.60 6.35
C THR A 136 -6.11 18.07 7.12
N ILE A 137 -6.34 18.89 8.14
CA ILE A 137 -5.28 19.45 8.96
C ILE A 137 -5.24 18.73 10.31
N VAL A 138 -4.07 18.22 10.69
CA VAL A 138 -4.00 17.46 11.93
C VAL A 138 -3.40 18.31 13.04
N CYS A 139 -4.08 18.35 14.18
CA CYS A 139 -3.50 18.91 15.40
C CYS A 139 -3.39 17.83 16.49
N VAL A 140 -2.24 17.78 17.17
CA VAL A 140 -1.99 16.77 18.21
C VAL A 140 -1.60 17.35 19.57
N ALA A 141 -2.30 16.95 20.63
CA ALA A 141 -1.91 17.39 21.97
C ALA A 141 -1.28 16.24 22.74
N ASN A 142 -0.03 16.42 23.16
CA ASN A 142 0.71 15.32 23.80
C ASN A 142 0.61 15.28 25.30
N LYS A 143 0.47 14.05 25.83
CA LYS A 143 0.82 13.70 27.21
C LYS A 143 0.29 14.69 28.24
N TYR A 144 -1.02 14.72 28.41
CA TYR A 144 -1.63 15.70 29.30
C TYR A 144 -2.68 15.10 30.24
N PHE A 145 -2.85 15.78 31.37
CA PHE A 145 -3.94 15.50 32.28
C PHE A 145 -4.17 16.74 33.13
N PRO A 146 -5.43 17.11 33.36
CA PRO A 146 -6.66 16.43 32.93
C PRO A 146 -7.07 16.80 31.50
N ASP A 147 -8.29 16.47 31.11
CA ASP A 147 -8.80 16.70 29.74
C ASP A 147 -8.63 18.13 29.25
N VAL A 148 -8.61 18.29 27.92
CA VAL A 148 -8.46 19.59 27.29
C VAL A 148 -9.65 19.92 26.37
N THR A 149 -9.71 21.17 25.94
CA THR A 149 -10.65 21.59 24.91
C THR A 149 -9.86 22.03 23.68
N VAL A 150 -10.31 21.65 22.49
CA VAL A 150 -9.67 22.13 21.27
C VAL A 150 -10.52 23.18 20.58
N THR A 151 -9.86 24.13 19.92
CA THR A 151 -10.53 25.14 19.11
C THR A 151 -9.77 25.37 17.80
N TRP A 152 -10.45 25.27 16.68
CA TRP A 152 -9.81 25.59 15.40
C TRP A 152 -10.15 27.01 14.97
N GLU A 153 -9.14 27.76 14.54
CA GLU A 153 -9.39 29.10 14.04
C GLU A 153 -8.81 29.25 12.63
N VAL A 154 -9.64 29.71 11.71
CA VAL A 154 -9.20 29.96 10.35
C VAL A 154 -9.26 31.48 10.12
N ASP A 155 -8.09 32.09 9.97
CA ASP A 155 -7.93 33.55 9.88
C ASP A 155 -8.59 34.25 11.06
N GLY A 156 -8.57 33.61 12.23
CA GLY A 156 -9.16 34.18 13.42
C GLY A 156 -10.59 33.72 13.68
N THR A 157 -11.22 33.13 12.67
CA THR A 157 -12.62 32.70 12.80
C THR A 157 -12.71 31.26 13.30
N THR A 158 -13.38 31.08 14.44
CA THR A 158 -13.57 29.77 15.03
C THR A 158 -14.32 28.85 14.09
N GLN A 159 -13.84 27.62 13.93
CA GLN A 159 -14.51 26.60 13.13
C GLN A 159 -15.43 25.74 13.99
N THR A 160 -16.57 25.34 13.43
CA THR A 160 -17.52 24.50 14.16
C THR A 160 -17.85 23.21 13.41
N THR A 161 -17.46 23.14 12.15
CA THR A 161 -17.71 21.96 11.34
C THR A 161 -16.41 21.40 10.84
N GLY A 162 -16.42 20.13 10.43
CA GLY A 162 -15.27 19.52 9.80
C GLY A 162 -14.22 19.07 10.81
N ILE A 163 -14.61 19.07 12.08
CA ILE A 163 -13.71 18.74 13.19
C ILE A 163 -14.04 17.37 13.79
N GLU A 164 -13.06 16.48 13.85
CA GLU A 164 -13.21 15.22 14.56
C GLU A 164 -12.11 15.03 15.58
N ASN A 165 -12.50 14.65 16.80
CA ASN A 165 -11.56 14.46 17.91
C ASN A 165 -11.41 13.01 18.32
N SER A 166 -10.17 12.60 18.55
CA SER A 166 -9.86 11.25 18.98
C SER A 166 -8.86 11.26 20.12
N LYS A 167 -9.21 10.62 21.24
CA LYS A 167 -8.36 10.60 22.43
C LYS A 167 -7.87 9.20 22.77
N THR A 168 -6.59 9.04 23.08
CA THR A 168 -6.07 7.74 23.48
C THR A 168 -6.43 7.43 24.95
N PRO A 169 -6.55 6.15 25.30
CA PRO A 169 -6.88 5.84 26.69
C PRO A 169 -5.76 6.30 27.64
N GLN A 170 -6.12 6.53 28.90
CA GLN A 170 -5.16 6.95 29.91
C GLN A 170 -3.93 6.05 29.92
N ASN A 171 -2.76 6.67 29.94
CA ASN A 171 -1.52 5.92 30.03
C ASN A 171 -1.45 5.17 31.34
N SER A 172 -1.19 3.87 31.27
CA SER A 172 -1.12 3.02 32.47
C SER A 172 -0.07 3.44 33.49
N ALA A 173 0.97 4.17 33.07
CA ALA A 173 2.00 4.62 34.00
C ALA A 173 1.65 5.96 34.67
N ASP A 174 1.16 6.93 33.91
CA ASP A 174 0.96 8.27 34.46
C ASP A 174 -0.41 8.91 34.22
N CYS A 175 -1.39 8.11 33.80
CA CYS A 175 -2.80 8.57 33.63
C CYS A 175 -3.03 9.58 32.46
N THR A 176 -1.98 9.94 31.74
CA THR A 176 -2.12 11.01 30.75
C THR A 176 -2.83 10.55 29.46
N TYR A 177 -3.43 11.51 28.79
CA TYR A 177 -4.04 11.32 27.49
C TYR A 177 -3.16 11.87 26.36
N ASN A 178 -3.52 11.46 25.14
CA ASN A 178 -3.08 12.10 23.91
C ASN A 178 -4.32 12.41 23.06
N LEU A 179 -4.26 13.52 22.32
CA LEU A 179 -5.41 13.94 21.56
C LEU A 179 -5.02 14.19 20.12
N SER A 180 -5.80 13.63 19.21
CA SER A 180 -5.69 13.91 17.80
C SER A 180 -6.94 14.66 17.36
N SER A 181 -6.77 15.86 16.81
CA SER A 181 -7.87 16.66 16.33
C SER A 181 -7.65 17.05 14.87
N THR A 182 -8.61 16.73 14.00
CA THR A 182 -8.46 17.06 12.59
C THR A 182 -9.50 18.08 12.12
N LEU A 183 -9.08 18.92 11.18
CA LEU A 183 -9.96 19.88 10.57
C LEU A 183 -9.96 19.66 9.07
N THR A 184 -11.15 19.36 8.53
CA THR A 184 -11.30 19.07 7.10
C THR A 184 -12.04 20.20 6.42
N LEU A 185 -11.46 20.68 5.33
CA LEU A 185 -12.06 21.71 4.48
C LEU A 185 -11.94 21.26 3.05
N THR A 186 -12.75 21.86 2.17
CA THR A 186 -12.56 21.71 0.75
C THR A 186 -11.24 22.38 0.37
N SER A 187 -10.71 22.07 -0.80
CA SER A 187 -9.44 22.67 -1.20
C SER A 187 -9.62 24.17 -1.46
N THR A 188 -10.73 24.53 -2.08
CA THR A 188 -11.04 25.92 -2.37
C THR A 188 -11.16 26.74 -1.08
N GLN A 189 -11.82 26.19 -0.07
CA GLN A 189 -11.84 26.78 1.26
C GLN A 189 -10.43 26.96 1.81
N TYR A 190 -9.62 25.91 1.72
CA TYR A 190 -8.28 25.95 2.28
C TYR A 190 -7.41 27.04 1.63
N ASN A 191 -7.55 27.23 0.31
CA ASN A 191 -6.72 28.18 -0.43
C ASN A 191 -7.18 29.64 -0.32
N SER A 192 -8.35 29.84 0.27
CA SER A 192 -8.88 31.18 0.41
C SER A 192 -8.47 31.80 1.75
N HIS A 193 -7.72 31.05 2.54
CA HIS A 193 -7.31 31.56 3.84
C HIS A 193 -5.84 31.33 4.12
N LYS A 194 -5.31 32.10 5.05
CA LYS A 194 -3.88 32.14 5.28
C LYS A 194 -3.54 31.44 6.59
N GLU A 195 -4.08 31.94 7.71
CA GLU A 195 -3.66 31.49 9.03
C GLU A 195 -4.52 30.33 9.56
N TYR A 196 -3.90 29.18 9.78
CA TYR A 196 -4.60 28.04 10.36
C TYR A 196 -4.08 27.76 11.76
N THR A 197 -5.00 27.63 12.72
CA THR A 197 -4.66 27.71 14.13
C THR A 197 -5.38 26.67 14.97
N CYS A 198 -4.63 26.01 15.83
CA CYS A 198 -5.18 25.04 16.78
C CYS A 198 -4.90 25.52 18.21
N LYS A 199 -5.93 25.66 19.02
CA LYS A 199 -5.74 26.10 20.39
C LYS A 199 -6.22 25.02 21.34
N VAL A 200 -5.32 24.61 22.23
CA VAL A 200 -5.64 23.57 23.19
C VAL A 200 -5.66 24.21 24.57
N THR A 201 -6.85 24.22 25.16
CA THR A 201 -7.06 24.84 26.46
C THR A 201 -7.19 23.78 27.57
N GLN A 202 -6.36 23.92 28.61
CA GLN A 202 -6.46 23.08 29.80
C GLN A 202 -6.67 23.96 31.04
N GLY A 203 -7.90 24.06 31.51
CA GLY A 203 -8.20 24.95 32.62
C GLY A 203 -7.80 26.37 32.27
N THR A 204 -6.92 26.96 33.06
CA THR A 204 -6.53 28.35 32.85
C THR A 204 -5.27 28.46 31.97
N THR A 205 -4.88 27.35 31.34
CA THR A 205 -3.74 27.33 30.44
C THR A 205 -4.15 27.10 28.98
N SER A 206 -3.61 27.89 28.05
CA SER A 206 -3.78 27.57 26.62
C SER A 206 -2.48 27.45 25.87
N VAL A 207 -2.41 26.46 24.99
CA VAL A 207 -1.28 26.30 24.10
C VAL A 207 -1.75 26.35 22.65
N VAL A 208 -1.17 27.27 21.88
CA VAL A 208 -1.63 27.54 20.53
C VAL A 208 -0.54 27.26 19.50
N GLN A 209 -0.87 26.47 18.47
CA GLN A 209 0.00 26.32 17.30
C GLN A 209 -0.74 26.74 16.04
N SER A 210 -0.06 27.54 15.23
CA SER A 210 -0.61 27.99 13.97
C SER A 210 0.37 27.67 12.86
N PHE A 211 -0.10 27.83 11.62
CA PHE A 211 0.77 27.89 10.47
C PHE A 211 0.09 28.76 9.44
N ASN A 212 0.90 29.35 8.58
CA ASN A 212 0.40 30.12 7.47
C ASN A 212 0.56 29.37 6.16
N ARG A 213 -0.54 29.19 5.45
CA ARG A 213 -0.51 28.58 4.12
C ARG A 213 0.27 29.50 3.17
N GLY A 214 1.30 28.95 2.55
CA GLY A 214 2.15 29.78 1.72
C GLY A 214 3.56 29.64 2.23
N ASP A 215 3.67 29.53 3.55
CA ASP A 215 4.94 29.23 4.21
C ASP A 215 5.19 27.74 4.33
N CYS A 216 4.21 26.93 3.94
CA CYS A 216 4.33 25.47 4.09
C CYS A 216 4.27 24.75 2.76
N GLN B 1 -2.15 -21.91 27.04
CA GLN B 1 -3.50 -21.93 26.48
C GLN B 1 -3.86 -20.57 25.89
N SER B 2 -4.42 -20.57 24.69
CA SER B 2 -4.85 -19.33 24.04
C SER B 2 -5.94 -19.56 22.98
N LEU B 3 -6.63 -18.48 22.63
CA LEU B 3 -7.75 -18.52 21.70
C LEU B 3 -7.60 -17.48 20.60
N GLU B 4 -8.01 -17.81 19.39
CA GLU B 4 -7.92 -16.86 18.28
C GLU B 4 -9.15 -16.95 17.39
N GLU B 5 -9.80 -15.82 17.14
CA GLU B 5 -10.99 -15.81 16.27
C GLU B 5 -10.64 -15.47 14.85
N SER B 6 -11.44 -15.98 13.91
CA SER B 6 -11.29 -15.66 12.50
C SER B 6 -12.63 -15.74 11.80
N GLY B 7 -12.69 -15.19 10.59
CA GLY B 7 -13.89 -15.24 9.76
C GLY B 7 -14.73 -13.97 9.81
N GLY B 8 -14.25 -12.97 10.54
CA GLY B 8 -14.92 -11.70 10.64
C GLY B 8 -14.61 -10.82 9.45
N GLY B 9 -15.40 -9.78 9.27
CA GLY B 9 -15.17 -8.80 8.23
C GLY B 9 -16.47 -8.20 7.74
N PRO B 10 -16.42 -7.57 6.57
CA PRO B 10 -17.62 -6.97 5.95
C PRO B 10 -18.63 -8.02 5.52
N VAL B 11 -19.91 -7.70 5.64
CA VAL B 11 -20.97 -8.55 5.15
C VAL B 11 -22.19 -7.66 4.96
N LYS B 12 -23.03 -7.99 3.98
CA LYS B 12 -24.20 -7.18 3.68
C LYS B 12 -25.37 -7.51 4.62
N PRO B 13 -26.30 -6.58 4.81
CA PRO B 13 -27.50 -6.88 5.59
C PRO B 13 -28.24 -8.06 4.96
N GLY B 14 -28.72 -8.99 5.78
CA GLY B 14 -29.43 -10.16 5.29
C GLY B 14 -28.53 -11.35 5.03
N GLY B 15 -27.23 -11.15 5.25
CA GLY B 15 -26.24 -12.16 4.95
C GLY B 15 -25.79 -13.01 6.11
N THR B 16 -24.76 -13.81 5.84
CA THR B 16 -24.28 -14.81 6.79
C THR B 16 -22.77 -14.73 6.89
N LEU B 17 -22.26 -14.99 8.09
CA LEU B 17 -20.85 -15.24 8.34
C LEU B 17 -20.72 -16.42 9.27
N THR B 18 -19.59 -17.11 9.17
CA THR B 18 -19.27 -18.13 10.14
C THR B 18 -17.95 -17.77 10.76
N LEU B 19 -17.98 -17.49 12.06
CA LEU B 19 -16.77 -17.13 12.79
C LEU B 19 -16.14 -18.38 13.37
N THR B 20 -14.82 -18.45 13.41
CA THR B 20 -14.18 -19.64 13.96
C THR B 20 -13.25 -19.31 15.12
N CYS B 21 -13.36 -20.08 16.19
CA CYS B 21 -12.46 -19.94 17.30
C CYS B 21 -11.55 -21.15 17.36
N LYS B 22 -10.24 -20.88 17.37
CA LYS B 22 -9.22 -21.92 17.41
C LYS B 22 -8.51 -21.87 18.74
N ALA B 23 -8.48 -23.02 19.41
CA ALA B 23 -7.84 -23.12 20.72
C ALA B 23 -6.45 -23.77 20.60
N SER B 24 -5.45 -23.15 21.22
CA SER B 24 -4.09 -23.68 21.21
C SER B 24 -3.52 -23.89 22.62
N GLY B 25 -2.80 -24.98 22.82
CA GLY B 25 -2.17 -25.25 24.10
C GLY B 25 -3.14 -25.63 25.21
N ILE B 26 -4.12 -26.47 24.86
CA ILE B 26 -5.17 -26.86 25.79
C ILE B 26 -5.13 -28.36 26.11
N ASP B 27 -5.81 -28.77 27.16
CA ASP B 27 -5.91 -30.19 27.50
C ASP B 27 -7.37 -30.62 27.46
N PHE B 28 -7.61 -31.90 27.72
CA PHE B 28 -8.94 -32.45 27.51
C PHE B 28 -9.40 -33.29 28.70
N SER B 29 -8.63 -33.25 29.79
CA SER B 29 -8.97 -33.96 31.03
C SER B 29 -10.13 -33.29 31.81
N SER B 30 -10.27 -31.97 31.65
CA SER B 30 -11.42 -31.25 32.16
C SER B 30 -12.32 -30.80 31.01
N PHE B 31 -13.55 -30.43 31.36
CA PHE B 31 -14.49 -29.92 30.40
C PHE B 31 -14.71 -28.43 30.60
N TYR B 32 -14.94 -27.72 29.51
CA TYR B 32 -15.01 -26.26 29.55
C TYR B 32 -16.26 -25.75 28.87
N TYR B 33 -16.55 -24.49 29.10
CA TYR B 33 -17.54 -23.77 28.33
C TYR B 33 -16.81 -22.87 27.34
N MET B 34 -17.14 -23.02 26.07
CA MET B 34 -16.61 -22.16 25.03
C MET B 34 -17.70 -21.21 24.63
N CYS B 35 -17.47 -19.92 24.81
CA CYS B 35 -18.54 -18.95 24.63
C CYS B 35 -18.18 -17.90 23.60
N TRP B 36 -19.21 -17.28 23.04
CA TRP B 36 -19.00 -16.16 22.17
C TRP B 36 -19.66 -14.94 22.82
N VAL B 37 -18.87 -13.86 22.90
CA VAL B 37 -19.32 -12.59 23.42
C VAL B 37 -18.99 -11.46 22.42
N ARG B 38 -19.94 -10.59 22.15
CA ARG B 38 -19.73 -9.51 21.18
C ARG B 38 -19.80 -8.15 21.84
N GLN B 39 -19.25 -7.15 21.15
CA GLN B 39 -19.21 -5.80 21.69
C GLN B 39 -19.22 -4.78 20.56
N ALA B 40 -20.36 -4.11 20.39
CA ALA B 40 -20.49 -3.03 19.42
C ALA B 40 -19.60 -1.87 19.86
N PRO B 41 -19.12 -1.06 18.90
CA PRO B 41 -18.25 0.08 19.22
C PRO B 41 -18.83 0.98 20.31
N GLY B 42 -18.04 1.24 21.35
CA GLY B 42 -18.42 2.11 22.43
C GLY B 42 -19.47 1.56 23.39
N LYS B 43 -19.83 0.30 23.20
CA LYS B 43 -20.89 -0.34 23.97
C LYS B 43 -20.38 -1.45 24.89
N GLY B 44 -21.30 -2.14 25.57
CA GLY B 44 -20.91 -3.10 26.59
C GLY B 44 -20.74 -4.53 26.08
N LEU B 45 -20.19 -5.40 26.91
CA LEU B 45 -20.10 -6.82 26.58
C LEU B 45 -21.49 -7.45 26.54
N GLU B 46 -21.73 -8.28 25.54
CA GLU B 46 -23.03 -8.90 25.34
C GLU B 46 -22.87 -10.37 25.00
N TRP B 47 -23.27 -11.21 25.95
CA TRP B 47 -23.14 -12.64 25.82
C TRP B 47 -24.05 -13.18 24.70
N ILE B 48 -23.54 -14.10 23.90
CA ILE B 48 -24.28 -14.67 22.79
C ILE B 48 -24.68 -16.13 23.02
N ALA B 49 -23.69 -16.97 23.27
CA ALA B 49 -23.91 -18.39 23.33
C ALA B 49 -22.70 -19.14 23.91
N CYS B 50 -22.95 -20.28 24.54
CA CYS B 50 -21.87 -21.15 24.97
C CYS B 50 -22.15 -22.60 24.58
N ILE B 51 -21.09 -23.41 24.58
CA ILE B 51 -21.21 -24.84 24.37
C ILE B 51 -20.19 -25.56 25.27
N VAL B 52 -20.60 -26.69 25.83
CA VAL B 52 -19.71 -27.46 26.68
C VAL B 52 -18.81 -28.36 25.81
N THR B 53 -17.58 -28.62 26.26
CA THR B 53 -16.66 -29.44 25.48
C THR B 53 -16.74 -30.96 25.77
N ASP B 54 -17.76 -31.41 26.50
CA ASP B 54 -17.96 -32.86 26.66
C ASP B 54 -18.72 -33.41 25.46
N ILE B 55 -18.77 -34.74 25.36
CA ILE B 55 -19.39 -35.43 24.21
C ILE B 55 -20.81 -34.94 23.93
N THR B 56 -21.51 -34.50 24.96
CA THR B 56 -22.89 -34.07 24.83
C THR B 56 -23.00 -32.87 23.89
N GLY B 57 -22.02 -31.98 23.96
CA GLY B 57 -22.02 -30.78 23.13
C GLY B 57 -23.22 -29.90 23.44
N GLU B 58 -23.64 -29.91 24.70
CA GLU B 58 -24.78 -29.13 25.12
C GLU B 58 -24.49 -27.66 24.94
N SER B 59 -25.44 -26.91 24.39
CA SER B 59 -25.22 -25.51 24.12
C SER B 59 -26.26 -24.62 24.78
N TYR B 60 -25.88 -23.37 25.05
CA TYR B 60 -26.74 -22.40 25.72
C TYR B 60 -26.72 -21.06 25.00
N TYR B 61 -27.91 -20.51 24.76
CA TYR B 61 -28.06 -19.33 23.93
C TYR B 61 -28.65 -18.15 24.69
N ALA B 62 -28.19 -16.95 24.39
CA ALA B 62 -28.92 -15.75 24.81
C ALA B 62 -30.24 -15.77 24.05
N THR B 63 -31.30 -15.23 24.66
CA THR B 63 -32.61 -15.31 24.05
C THR B 63 -32.73 -14.55 22.73
N TRP B 64 -32.10 -13.38 22.64
CA TRP B 64 -32.12 -12.58 21.42
C TRP B 64 -31.40 -13.28 20.27
N ALA B 65 -30.51 -14.22 20.64
CA ALA B 65 -29.57 -14.80 19.69
C ALA B 65 -29.98 -16.18 19.17
N LYS B 66 -30.76 -16.92 19.95
CA LYS B 66 -31.01 -18.34 19.64
C LYS B 66 -31.57 -18.59 18.22
N GLY B 67 -32.26 -17.61 17.65
CA GLY B 67 -32.90 -17.80 16.35
C GLY B 67 -32.01 -17.64 15.14
N ARG B 68 -30.92 -16.87 15.26
CA ARG B 68 -30.12 -16.52 14.09
C ARG B 68 -28.67 -16.93 14.21
N PHE B 69 -28.27 -17.35 15.42
CA PHE B 69 -26.92 -17.78 15.69
C PHE B 69 -26.91 -19.26 16.04
N ALA B 70 -25.91 -19.98 15.56
CA ALA B 70 -25.73 -21.36 15.96
C ALA B 70 -24.27 -21.61 16.32
N ILE B 71 -24.05 -22.20 17.49
CA ILE B 71 -22.71 -22.51 17.98
C ILE B 71 -22.40 -24.02 17.82
N SER B 72 -21.19 -24.36 17.36
CA SER B 72 -20.79 -25.76 17.16
C SER B 72 -19.33 -26.06 17.50
N LYS B 73 -19.07 -27.22 18.09
CA LYS B 73 -17.73 -27.80 18.12
C LYS B 73 -17.49 -28.46 16.78
N THR B 74 -16.43 -28.06 16.06
CA THR B 74 -16.14 -28.67 14.77
C THR B 74 -14.90 -29.56 14.86
N SER B 75 -14.17 -29.45 15.98
CA SER B 75 -13.07 -30.35 16.30
C SER B 75 -12.72 -30.22 17.78
N SER B 76 -11.67 -30.90 18.21
CA SER B 76 -11.24 -30.80 19.59
C SER B 76 -10.73 -29.40 19.92
N THR B 77 -10.39 -28.61 18.90
CA THR B 77 -9.79 -27.29 19.11
C THR B 77 -10.52 -26.16 18.42
N THR B 78 -11.65 -26.45 17.80
CA THR B 78 -12.36 -25.41 17.06
C THR B 78 -13.86 -25.34 17.34
N VAL B 79 -14.33 -24.12 17.55
CA VAL B 79 -15.76 -23.84 17.73
C VAL B 79 -16.18 -22.80 16.71
N THR B 80 -17.36 -22.96 16.11
CA THR B 80 -17.82 -22.00 15.13
C THR B 80 -19.11 -21.29 15.59
N LEU B 81 -19.25 -20.03 15.18
CA LEU B 81 -20.49 -19.27 15.36
C LEU B 81 -21.01 -18.92 13.99
N GLN B 82 -22.12 -19.52 13.59
CA GLN B 82 -22.75 -19.18 12.32
C GLN B 82 -23.82 -18.13 12.55
N MET B 83 -23.63 -16.96 11.95
CA MET B 83 -24.51 -15.82 12.19
C MET B 83 -25.27 -15.49 10.93
N THR B 84 -26.59 -15.36 11.04
CA THR B 84 -27.48 -15.29 9.89
C THR B 84 -28.50 -14.11 9.95
N SER B 85 -29.14 -13.83 8.82
CA SER B 85 -30.14 -12.77 8.73
C SER B 85 -29.67 -11.47 9.40
N LEU B 86 -28.42 -11.10 9.11
CA LEU B 86 -27.71 -10.02 9.81
C LEU B 86 -28.20 -8.62 9.48
N THR B 87 -28.08 -7.73 10.44
CA THR B 87 -28.42 -6.33 10.27
C THR B 87 -27.31 -5.48 10.90
N ALA B 88 -27.41 -4.15 10.73
CA ALA B 88 -26.51 -3.20 11.38
C ALA B 88 -26.36 -3.47 12.89
N ALA B 89 -27.41 -3.95 13.53
CA ALA B 89 -27.38 -4.20 14.96
C ALA B 89 -26.39 -5.30 15.34
N ASP B 90 -25.94 -6.10 14.38
CA ASP B 90 -24.94 -7.13 14.66
C ASP B 90 -23.47 -6.69 14.45
N THR B 91 -23.26 -5.45 14.02
CA THR B 91 -21.92 -4.93 13.89
C THR B 91 -21.24 -4.85 15.25
N ALA B 92 -20.07 -5.47 15.38
CA ALA B 92 -19.43 -5.62 16.70
C ALA B 92 -18.10 -6.36 16.60
N THR B 93 -17.30 -6.25 17.65
CA THR B 93 -16.16 -7.12 17.77
C THR B 93 -16.67 -8.41 18.43
N TYR B 94 -16.38 -9.55 17.81
CA TYR B 94 -16.79 -10.83 18.37
C TYR B 94 -15.62 -11.56 19.06
N PHE B 95 -15.78 -11.76 20.35
CA PHE B 95 -14.80 -12.44 21.19
C PHE B 95 -15.15 -13.91 21.42
N CYS B 96 -14.10 -14.74 21.36
CA CYS B 96 -14.19 -16.12 21.80
C CYS B 96 -13.65 -16.16 23.23
N ALA B 97 -14.32 -16.89 24.11
CA ALA B 97 -13.85 -17.00 25.49
C ALA B 97 -14.07 -18.40 26.04
N ARG B 98 -13.30 -18.75 27.07
CA ARG B 98 -13.41 -20.07 27.68
C ARG B 98 -13.41 -19.98 29.21
N GLY B 99 -14.23 -20.79 29.83
CA GLY B 99 -14.20 -20.88 31.28
C GLY B 99 -14.39 -22.31 31.73
N ASP B 100 -14.07 -22.58 32.99
CA ASP B 100 -14.23 -23.92 33.52
C ASP B 100 -15.69 -24.29 33.72
N THR B 101 -15.92 -25.60 33.83
CA THR B 101 -17.22 -26.12 34.21
C THR B 101 -17.17 -26.27 35.71
N TYR B 102 -18.29 -26.63 36.32
CA TYR B 102 -18.37 -26.55 37.77
C TYR B 102 -17.41 -27.49 38.49
N GLY B 103 -17.28 -28.72 37.99
CA GLY B 103 -16.44 -29.70 38.65
C GLY B 103 -16.84 -29.88 40.10
N TYR B 104 -15.85 -29.89 40.98
CA TYR B 104 -16.05 -30.12 42.39
C TYR B 104 -16.57 -28.84 43.10
N GLY B 105 -16.60 -27.74 42.34
CA GLY B 105 -16.97 -26.45 42.89
C GLY B 105 -15.73 -25.65 43.21
N ASP B 106 -14.58 -26.22 42.87
CA ASP B 106 -13.28 -25.62 43.17
C ASP B 106 -12.57 -25.08 41.91
N THR B 107 -13.32 -24.86 40.84
CA THR B 107 -12.69 -24.42 39.60
C THR B 107 -12.79 -22.90 39.41
N VAL B 108 -12.32 -22.43 38.27
CA VAL B 108 -12.45 -21.03 37.91
C VAL B 108 -13.73 -20.88 37.11
N TYR B 109 -14.83 -20.64 37.83
CA TYR B 109 -16.14 -20.73 37.25
C TYR B 109 -16.53 -19.34 36.73
N ALA B 110 -15.90 -18.97 35.61
CA ALA B 110 -16.03 -17.68 34.95
C ALA B 110 -15.16 -17.71 33.68
N LEU B 111 -15.29 -16.72 32.81
CA LEU B 111 -14.49 -16.70 31.58
C LEU B 111 -13.03 -16.23 31.81
N ASN B 112 -12.10 -17.15 32.07
CA ASN B 112 -10.72 -16.73 32.33
C ASN B 112 -9.87 -16.59 31.06
N LEU B 113 -10.33 -17.15 29.95
CA LEU B 113 -9.53 -17.14 28.72
C LEU B 113 -10.27 -16.38 27.62
N TRP B 114 -9.59 -15.42 27.00
CA TRP B 114 -10.20 -14.60 25.95
C TRP B 114 -9.34 -14.50 24.70
N GLY B 115 -9.98 -14.46 23.53
CA GLY B 115 -9.30 -14.09 22.32
C GLY B 115 -9.22 -12.57 22.15
N PRO B 116 -8.50 -12.12 21.12
CA PRO B 116 -8.36 -10.70 20.79
C PRO B 116 -9.61 -10.10 20.16
N GLY B 117 -10.44 -10.95 19.55
CA GLY B 117 -11.68 -10.50 18.95
C GLY B 117 -11.56 -10.33 17.45
N THR B 118 -12.66 -10.49 16.73
CA THR B 118 -12.66 -10.23 15.29
C THR B 118 -13.85 -9.31 14.99
N LEU B 119 -13.65 -8.35 14.09
CA LEU B 119 -14.64 -7.30 13.87
C LEU B 119 -15.57 -7.61 12.70
N VAL B 120 -16.85 -7.70 13.00
CA VAL B 120 -17.86 -7.90 11.98
C VAL B 120 -18.54 -6.56 11.70
N THR B 121 -18.58 -6.17 10.42
CA THR B 121 -19.36 -5.01 10.02
C THR B 121 -20.50 -5.40 9.06
N VAL B 122 -21.73 -5.13 9.47
CA VAL B 122 -22.87 -5.44 8.61
C VAL B 122 -23.31 -4.14 7.97
N SER B 123 -23.03 -4.00 6.68
CA SER B 123 -23.28 -2.74 6.00
C SER B 123 -23.53 -2.95 4.51
N SER B 124 -24.37 -2.10 3.94
CA SER B 124 -24.58 -2.16 2.50
C SER B 124 -23.45 -1.38 1.80
N GLY B 125 -22.64 -0.67 2.58
CA GLY B 125 -21.53 0.11 2.04
C GLY B 125 -20.34 -0.74 1.62
N GLN B 126 -19.95 -0.61 0.36
CA GLN B 126 -18.80 -1.30 -0.19
C GLN B 126 -17.52 -0.96 0.58
N PRO B 127 -16.70 -1.99 0.89
CA PRO B 127 -15.38 -1.72 1.49
C PRO B 127 -14.59 -0.73 0.64
N LYS B 128 -13.86 0.18 1.28
CA LYS B 128 -13.07 1.17 0.58
C LYS B 128 -11.69 1.28 1.25
N ALA B 129 -10.64 1.21 0.44
CA ALA B 129 -9.27 1.28 0.95
C ALA B 129 -8.88 2.74 1.22
N PRO B 130 -8.15 2.98 2.31
CA PRO B 130 -7.75 4.32 2.71
C PRO B 130 -6.63 4.96 1.88
N SER B 131 -6.63 6.29 1.83
CA SER B 131 -5.48 7.02 1.34
C SER B 131 -4.58 7.34 2.53
N VAL B 132 -3.27 7.34 2.32
CA VAL B 132 -2.34 7.69 3.40
C VAL B 132 -1.56 8.93 3.06
N PHE B 133 -1.66 9.94 3.91
CA PHE B 133 -0.90 11.16 3.73
C PHE B 133 0.15 11.34 4.83
N PRO B 134 1.34 11.80 4.45
CA PRO B 134 2.38 12.01 5.47
C PRO B 134 2.03 13.17 6.39
N LEU B 135 2.45 13.07 7.64
CA LEU B 135 2.35 14.17 8.59
C LEU B 135 3.76 14.63 8.97
N ALA B 136 4.04 15.91 8.74
CA ALA B 136 5.34 16.46 9.01
C ALA B 136 5.16 17.92 9.31
N PRO B 137 6.00 18.49 10.17
CA PRO B 137 5.85 19.89 10.54
C PRO B 137 5.98 20.78 9.31
N CYS B 138 5.37 21.96 9.39
CA CYS B 138 5.51 22.98 8.35
C CYS B 138 6.99 23.20 8.02
N CYS B 139 7.33 23.10 6.75
CA CYS B 139 8.71 23.22 6.29
C CYS B 139 9.31 24.62 6.57
N GLY B 140 8.45 25.59 6.84
CA GLY B 140 8.87 26.93 7.19
C GLY B 140 9.40 27.04 8.61
N ASP B 141 9.16 26.01 9.42
CA ASP B 141 9.68 25.94 10.79
C ASP B 141 11.19 25.77 10.82
N THR B 142 11.80 26.28 11.90
CA THR B 142 13.19 25.99 12.21
C THR B 142 13.30 24.58 12.79
N PRO B 143 14.11 23.72 12.17
CA PRO B 143 14.23 22.36 12.70
C PRO B 143 14.88 22.34 14.08
N SER B 144 14.59 21.31 14.86
CA SER B 144 15.23 21.16 16.17
C SER B 144 15.76 19.73 16.34
N SER B 145 16.29 19.46 17.52
CA SER B 145 16.91 18.17 17.87
C SER B 145 16.06 16.95 17.50
N THR B 146 14.77 17.00 17.81
CA THR B 146 13.88 15.90 17.48
C THR B 146 12.65 16.40 16.73
N VAL B 147 11.95 15.48 16.07
CA VAL B 147 10.82 15.81 15.22
C VAL B 147 9.73 14.73 15.30
N THR B 148 8.47 15.16 15.29
CA THR B 148 7.40 14.17 15.25
C THR B 148 6.83 14.11 13.84
N LEU B 149 6.92 12.92 13.25
CA LEU B 149 6.38 12.63 11.92
C LEU B 149 5.15 11.74 12.07
N GLY B 150 4.43 11.50 10.98
CA GLY B 150 3.18 10.79 11.10
C GLY B 150 2.54 10.35 9.79
N CYS B 151 1.40 9.70 9.94
CA CYS B 151 0.59 9.27 8.81
C CYS B 151 -0.87 9.52 9.12
N LEU B 152 -1.54 10.24 8.22
CA LEU B 152 -2.99 10.39 8.29
C LEU B 152 -3.64 9.38 7.35
N VAL B 153 -4.33 8.41 7.94
CA VAL B 153 -5.07 7.39 7.21
C VAL B 153 -6.52 7.84 6.95
N LYS B 154 -6.84 8.23 5.72
CA LYS B 154 -8.07 8.93 5.43
C LYS B 154 -9.04 8.16 4.52
N GLY B 155 -10.30 8.08 4.95
CA GLY B 155 -11.39 7.62 4.13
C GLY B 155 -11.46 6.12 3.89
N TYR B 156 -11.45 5.33 4.96
CA TYR B 156 -11.64 3.90 4.75
C TYR B 156 -12.97 3.39 5.27
N LEU B 157 -13.34 2.21 4.77
CA LEU B 157 -14.58 1.53 5.11
C LEU B 157 -14.39 0.04 4.87
N PRO B 158 -14.85 -0.81 5.82
CA PRO B 158 -15.24 -0.45 7.18
C PRO B 158 -14.00 -0.50 8.06
N GLU B 159 -14.18 -0.58 9.38
CA GLU B 159 -13.05 -0.85 10.28
C GLU B 159 -12.63 -2.32 10.18
N PRO B 160 -11.40 -2.66 10.61
CA PRO B 160 -10.36 -1.78 11.15
C PRO B 160 -9.21 -1.47 10.19
N VAL B 161 -8.35 -0.58 10.66
CA VAL B 161 -7.03 -0.41 10.12
C VAL B 161 -6.03 -0.66 11.26
N THR B 162 -4.90 -1.27 10.96
CA THR B 162 -3.81 -1.31 11.90
C THR B 162 -2.62 -0.54 11.34
N VAL B 163 -1.75 -0.08 12.24
CA VAL B 163 -0.60 0.72 11.85
C VAL B 163 0.65 0.29 12.60
N THR B 164 1.69 -0.06 11.87
CA THR B 164 3.01 -0.24 12.47
C THR B 164 3.98 0.72 11.83
N TRP B 165 5.17 0.82 12.41
CA TRP B 165 6.21 1.70 11.89
C TRP B 165 7.47 0.90 11.62
N ASN B 166 7.97 1.00 10.39
CA ASN B 166 9.13 0.24 9.97
C ASN B 166 8.92 -1.25 10.17
N SER B 167 7.74 -1.72 9.82
CA SER B 167 7.39 -3.15 9.90
C SER B 167 7.54 -3.75 11.29
N GLY B 168 6.98 -3.08 12.30
CA GLY B 168 7.07 -3.54 13.68
C GLY B 168 8.36 -3.15 14.40
N THR B 169 9.39 -2.86 13.62
CA THR B 169 10.71 -2.54 14.15
C THR B 169 10.69 -1.33 15.08
N LEU B 170 9.86 -0.33 14.77
CA LEU B 170 9.90 0.93 15.50
C LEU B 170 8.61 1.17 16.29
N THR B 171 8.69 1.03 17.62
CA THR B 171 7.53 1.21 18.49
C THR B 171 7.74 2.32 19.53
N ASN B 172 8.98 2.69 19.79
CA ASN B 172 9.26 3.73 20.80
C ASN B 172 8.77 5.10 20.38
N GLY B 173 7.95 5.72 21.22
CA GLY B 173 7.43 7.05 20.93
C GLY B 173 6.33 7.05 19.88
N VAL B 174 5.80 5.87 19.57
CA VAL B 174 4.66 5.78 18.67
C VAL B 174 3.36 5.97 19.45
N ARG B 175 2.48 6.81 18.90
CA ARG B 175 1.12 6.94 19.38
C ARG B 175 0.16 6.84 18.23
N THR B 176 -0.68 5.82 18.27
CA THR B 176 -1.66 5.57 17.22
C THR B 176 -3.08 5.76 17.78
N PHE B 177 -3.76 6.78 17.27
CA PHE B 177 -5.05 7.20 17.84
C PHE B 177 -6.21 6.31 17.40
N PRO B 178 -7.25 6.22 18.24
CA PRO B 178 -8.47 5.55 17.77
C PRO B 178 -9.08 6.26 16.55
N SER B 179 -9.64 5.48 15.63
CA SER B 179 -10.27 6.02 14.44
C SER B 179 -11.39 7.02 14.75
N VAL B 180 -11.66 7.88 13.78
CA VAL B 180 -12.81 8.76 13.87
C VAL B 180 -13.71 8.49 12.70
N ARG B 181 -14.91 9.06 12.72
CA ARG B 181 -15.78 8.83 11.59
C ARG B 181 -16.23 10.15 11.02
N GLN B 182 -15.96 10.32 9.73
CA GLN B 182 -16.39 11.49 8.97
C GLN B 182 -17.90 11.43 8.83
N SER B 183 -18.50 12.53 8.38
CA SER B 183 -19.96 12.62 8.30
C SER B 183 -20.50 11.74 7.16
N SER B 184 -19.67 11.54 6.14
CA SER B 184 -20.00 10.64 5.05
C SER B 184 -20.10 9.17 5.48
N GLY B 185 -19.56 8.84 6.65
CA GLY B 185 -19.56 7.47 7.13
C GLY B 185 -18.19 6.82 7.07
N LEU B 186 -17.28 7.36 6.25
CA LEU B 186 -15.92 6.85 6.16
C LEU B 186 -15.13 7.07 7.44
N TYR B 187 -14.17 6.17 7.69
CA TYR B 187 -13.28 6.34 8.84
C TYR B 187 -11.94 6.97 8.47
N SER B 188 -11.29 7.54 9.50
CA SER B 188 -9.93 8.06 9.43
C SER B 188 -9.23 7.79 10.74
N LEU B 189 -7.90 7.68 10.72
CA LEU B 189 -7.13 7.77 11.96
C LEU B 189 -5.72 8.30 11.74
N SER B 190 -5.09 8.68 12.85
CA SER B 190 -3.74 9.21 12.83
C SER B 190 -2.79 8.32 13.61
N SER B 191 -1.55 8.25 13.12
CA SER B 191 -0.45 7.68 13.88
C SER B 191 0.74 8.61 13.74
N VAL B 192 1.33 8.98 14.86
CA VAL B 192 2.51 9.83 14.82
C VAL B 192 3.65 9.12 15.53
N VAL B 193 4.88 9.47 15.20
CA VAL B 193 6.02 8.87 15.91
C VAL B 193 7.09 9.93 16.14
N SER B 194 7.70 9.90 17.33
CA SER B 194 8.74 10.85 17.65
C SER B 194 10.11 10.23 17.39
N VAL B 195 10.93 10.95 16.65
CA VAL B 195 12.25 10.45 16.26
C VAL B 195 13.23 11.61 16.23
N THR B 196 14.53 11.31 16.19
CA THR B 196 15.54 12.36 16.11
C THR B 196 15.74 12.81 14.67
N SER B 197 16.24 14.05 14.49
CA SER B 197 16.39 14.64 13.16
C SER B 197 17.36 13.89 12.25
N SER B 198 18.46 13.39 12.82
CA SER B 198 19.47 12.69 12.02
C SER B 198 19.02 11.27 11.69
N SER B 199 17.89 10.85 12.24
CA SER B 199 17.37 9.51 11.99
C SER B 199 16.87 9.33 10.55
N GLN B 200 17.02 8.09 10.05
CA GLN B 200 16.55 7.71 8.72
C GLN B 200 15.07 8.01 8.56
N PRO B 201 14.58 8.08 7.30
CA PRO B 201 13.14 8.25 7.13
C PRO B 201 12.34 7.05 7.67
N VAL B 202 11.19 7.35 8.26
CA VAL B 202 10.34 6.34 8.87
C VAL B 202 9.23 5.92 7.91
N THR B 203 8.79 4.68 7.99
CA THR B 203 7.73 4.20 7.12
C THR B 203 6.57 3.64 7.93
N CYS B 204 5.38 4.22 7.72
CA CYS B 204 4.18 3.69 8.34
C CYS B 204 3.59 2.60 7.45
N ASN B 205 3.16 1.51 8.07
CA ASN B 205 2.57 0.40 7.34
C ASN B 205 1.10 0.28 7.68
N VAL B 206 0.22 0.57 6.71
CA VAL B 206 -1.19 0.67 7.02
C VAL B 206 -1.97 -0.49 6.40
N ALA B 207 -2.52 -1.34 7.25
CA ALA B 207 -3.24 -2.52 6.81
C ALA B 207 -4.76 -2.33 6.93
N HIS B 208 -5.43 -2.56 5.82
CA HIS B 208 -6.89 -2.57 5.80
C HIS B 208 -7.37 -3.92 5.32
N PRO B 209 -7.54 -4.88 6.24
CA PRO B 209 -7.91 -6.25 5.88
C PRO B 209 -9.19 -6.37 5.03
N ALA B 210 -10.20 -5.53 5.24
CA ALA B 210 -11.44 -5.62 4.44
C ALA B 210 -11.22 -5.48 2.94
N THR B 211 -10.17 -4.78 2.52
CA THR B 211 -9.86 -4.64 1.09
C THR B 211 -8.58 -5.33 0.69
N ASN B 212 -7.98 -6.09 1.61
CA ASN B 212 -6.75 -6.84 1.35
C ASN B 212 -5.62 -5.94 0.88
N THR B 213 -5.55 -4.75 1.45
CA THR B 213 -4.53 -3.80 1.07
C THR B 213 -3.56 -3.56 2.22
N LYS B 214 -2.32 -3.29 1.88
CA LYS B 214 -1.38 -2.71 2.83
C LYS B 214 -0.71 -1.54 2.13
N VAL B 215 -0.69 -0.39 2.79
CA VAL B 215 -0.03 0.79 2.24
C VAL B 215 1.21 1.17 3.06
N ASP B 216 2.35 1.25 2.39
CA ASP B 216 3.55 1.77 3.02
C ASP B 216 3.81 3.20 2.57
N LYS B 217 3.81 4.13 3.52
CA LYS B 217 4.12 5.51 3.25
C LYS B 217 5.41 5.88 4.00
N THR B 218 6.40 6.33 3.26
CA THR B 218 7.67 6.73 3.85
C THR B 218 7.65 8.25 3.99
N VAL B 219 7.96 8.70 5.20
CA VAL B 219 7.81 10.10 5.58
C VAL B 219 9.15 10.65 6.07
N ALA B 220 9.45 11.91 5.76
CA ALA B 220 10.70 12.53 6.19
C ALA B 220 10.48 14.02 6.50
N PRO B 221 11.33 14.61 7.34
CA PRO B 221 11.16 16.01 7.71
C PRO B 221 11.16 16.97 6.51
N GLY C 2 -18.30 -39.30 31.60
CA GLY C 2 -17.59 -38.34 30.75
C GLY C 2 -18.42 -37.11 30.43
N LYS C 3 -18.99 -36.51 31.47
CA LYS C 3 -19.82 -35.32 31.33
C LYS C 3 -19.35 -34.24 32.29
N ALA C 4 -19.59 -32.98 31.93
CA ALA C 4 -19.34 -31.86 32.84
C ALA C 4 -20.38 -31.86 33.97
N MET C 5 -20.01 -31.40 35.15
CA MET C 5 -20.96 -31.33 36.27
C MET C 5 -21.79 -30.03 36.22
N TYR C 6 -23.09 -30.10 36.49
CA TYR C 6 -23.84 -28.87 36.69
C TYR C 6 -23.53 -28.31 38.08
N ALA C 7 -23.56 -26.99 38.20
CA ALA C 7 -23.58 -26.34 39.50
C ALA C 7 -24.90 -26.68 40.18
N PRO C 8 -24.91 -26.71 41.53
CA PRO C 8 -26.11 -26.97 42.33
C PRO C 8 -27.23 -25.96 42.07
N PRO C 9 -28.47 -26.27 42.50
CA PRO C 9 -29.52 -25.24 42.39
C PRO C 9 -29.17 -23.98 43.19
N ILE C 10 -29.80 -22.86 42.87
CA ILE C 10 -29.67 -21.62 43.65
C ILE C 10 -30.20 -21.82 45.06
N ARG C 11 -29.36 -21.63 46.08
CA ARG C 11 -29.85 -21.60 47.45
C ARG C 11 -30.89 -20.49 47.64
N GLY C 12 -30.47 -19.25 47.39
CA GLY C 12 -31.37 -18.10 47.47
C GLY C 12 -31.16 -17.27 48.73
N GLY D 1 28.39 18.63 -38.57
CA GLY D 1 28.36 17.18 -38.44
C GLY D 1 29.39 16.71 -37.44
N PRO D 2 29.65 15.39 -37.40
CA PRO D 2 29.07 14.40 -38.30
C PRO D 2 27.67 13.97 -37.91
N VAL D 3 26.70 14.24 -38.79
CA VAL D 3 25.33 13.82 -38.57
C VAL D 3 25.12 12.39 -39.13
N LEU D 4 24.49 11.54 -38.31
CA LEU D 4 24.17 10.19 -38.73
C LEU D 4 22.73 10.04 -39.24
N THR D 5 22.59 9.63 -40.48
CA THR D 5 21.26 9.33 -40.99
C THR D 5 21.06 7.83 -40.99
N GLN D 6 20.18 7.35 -40.15
CA GLN D 6 19.95 5.92 -40.01
C GLN D 6 18.71 5.49 -40.78
N THR D 7 18.83 4.40 -41.54
CA THR D 7 17.73 3.84 -42.33
C THR D 7 17.78 2.30 -42.27
N PRO D 8 16.63 1.63 -42.44
CA PRO D 8 15.26 2.18 -42.50
C PRO D 8 14.81 2.58 -41.12
N PRO D 9 13.71 3.35 -41.01
CA PRO D 9 13.10 3.59 -39.70
C PRO D 9 12.58 2.30 -39.06
N SER D 10 12.14 1.38 -39.90
CA SER D 10 11.62 0.11 -39.41
C SER D 10 11.82 -1.02 -40.43
N ALA D 11 11.86 -2.24 -39.93
CA ALA D 11 12.01 -3.42 -40.75
C ALA D 11 11.20 -4.55 -40.16
N SER D 12 10.77 -5.45 -41.03
CA SER D 12 9.95 -6.56 -40.62
C SER D 12 10.33 -7.79 -41.44
N GLU D 13 11.03 -8.73 -40.79
CA GLU D 13 11.56 -9.92 -41.46
C GLU D 13 11.18 -11.20 -40.69
N PRO D 14 11.07 -12.32 -41.43
CA PRO D 14 10.74 -13.61 -40.83
C PRO D 14 11.92 -14.22 -40.06
N VAL D 15 11.62 -15.11 -39.12
CA VAL D 15 12.65 -15.90 -38.45
C VAL D 15 13.52 -16.57 -39.51
N GLY D 16 14.83 -16.56 -39.33
CA GLY D 16 15.71 -17.10 -40.34
C GLY D 16 16.10 -16.09 -41.41
N GLY D 17 15.31 -15.04 -41.57
CA GLY D 17 15.62 -13.98 -42.54
C GLY D 17 16.82 -13.10 -42.21
N THR D 18 16.98 -12.02 -42.97
CA THR D 18 18.08 -11.10 -42.75
C THR D 18 17.58 -9.66 -42.63
N VAL D 19 18.16 -8.94 -41.68
CA VAL D 19 17.90 -7.52 -41.50
C VAL D 19 19.18 -6.72 -41.78
N THR D 20 19.07 -5.66 -42.56
CA THR D 20 20.22 -4.80 -42.81
C THR D 20 19.89 -3.39 -42.38
N ILE D 21 20.69 -2.87 -41.45
CA ILE D 21 20.48 -1.53 -40.94
C ILE D 21 21.65 -0.64 -41.34
N LYS D 22 21.35 0.53 -41.87
CA LYS D 22 22.41 1.36 -42.42
C LYS D 22 22.56 2.69 -41.70
N CYS D 23 23.80 3.11 -41.54
CA CYS D 23 24.13 4.38 -40.94
C CYS D 23 25.00 5.17 -41.92
N GLN D 24 24.54 6.36 -42.32
CA GLN D 24 25.40 7.18 -43.15
C GLN D 24 25.75 8.49 -42.44
N ALA D 25 27.05 8.80 -42.44
CA ALA D 25 27.56 10.01 -41.81
C ALA D 25 27.73 11.14 -42.83
N SER D 26 27.35 12.35 -42.45
CA SER D 26 27.47 13.51 -43.31
C SER D 26 28.93 13.86 -43.59
N GLN D 27 29.84 13.33 -42.79
CA GLN D 27 31.27 13.47 -43.10
C GLN D 27 32.04 12.24 -42.62
N ALA D 28 33.26 12.07 -43.12
CA ALA D 28 34.05 10.88 -42.80
C ALA D 28 34.30 10.76 -41.31
N ILE D 29 34.18 9.55 -40.78
CA ILE D 29 34.44 9.26 -39.36
C ILE D 29 35.26 7.99 -39.17
N ASP D 30 35.97 7.60 -40.23
CA ASP D 30 36.83 6.42 -40.24
C ASP D 30 36.03 5.20 -39.81
N GLU D 31 36.36 4.57 -38.69
CA GLU D 31 35.51 3.50 -38.14
C GLU D 31 35.06 3.77 -36.69
N TYR D 32 35.00 5.04 -36.29
CA TYR D 32 34.53 5.42 -34.95
C TYR D 32 33.01 5.38 -34.83
N LEU D 33 32.46 4.17 -34.84
CA LEU D 33 31.02 3.97 -34.93
C LEU D 33 30.68 2.72 -34.16
N GLY D 34 29.68 2.83 -33.28
CA GLY D 34 29.21 1.69 -32.51
C GLY D 34 27.76 1.39 -32.82
N TRP D 35 27.32 0.18 -32.54
CA TRP D 35 25.93 -0.20 -32.71
C TRP D 35 25.35 -0.67 -31.38
N TYR D 36 24.12 -0.26 -31.09
CA TYR D 36 23.45 -0.61 -29.85
C TYR D 36 22.13 -1.29 -30.15
N GLN D 37 21.79 -2.25 -29.29
CA GLN D 37 20.49 -2.91 -29.30
C GLN D 37 19.72 -2.45 -28.07
N GLN D 38 18.41 -2.19 -28.21
CA GLN D 38 17.60 -1.81 -27.06
C GLN D 38 16.23 -2.40 -27.13
N LYS D 39 15.92 -3.23 -26.14
CA LYS D 39 14.59 -3.81 -26.05
C LYS D 39 13.70 -2.87 -25.28
N PRO D 40 12.41 -2.83 -25.63
CA PRO D 40 11.46 -1.92 -24.97
C PRO D 40 11.51 -2.06 -23.45
N GLY D 41 11.78 -0.96 -22.77
CA GLY D 41 11.79 -0.95 -21.31
C GLY D 41 13.16 -1.20 -20.70
N GLN D 42 14.14 -1.58 -21.51
CA GLN D 42 15.47 -1.86 -20.98
C GLN D 42 16.53 -0.89 -21.47
N ARG D 43 17.69 -0.87 -20.81
CA ARG D 43 18.78 0.02 -21.22
C ARG D 43 19.40 -0.48 -22.53
N PRO D 44 20.08 0.43 -23.26
CA PRO D 44 20.81 0.05 -24.46
C PRO D 44 21.95 -0.92 -24.14
N LYS D 45 22.24 -1.80 -25.10
CA LYS D 45 23.35 -2.71 -24.96
C LYS D 45 24.29 -2.55 -26.13
N LEU D 46 25.58 -2.42 -25.87
CA LEU D 46 26.56 -2.41 -26.95
C LEU D 46 26.60 -3.74 -27.67
N LEU D 47 26.55 -3.72 -28.99
CA LEU D 47 26.70 -4.96 -29.77
C LEU D 47 28.02 -5.00 -30.51
N MET D 48 28.60 -3.83 -30.72
CA MET D 48 29.51 -3.64 -31.81
C MET D 48 30.16 -2.27 -31.71
N TYR D 49 31.50 -2.25 -31.75
CA TYR D 49 32.25 -1.01 -31.73
C TYR D 49 33.36 -1.03 -32.79
N TYR D 50 33.96 0.13 -33.03
CA TYR D 50 34.90 0.28 -34.15
C TYR D 50 34.37 -0.34 -35.45
N ALA D 51 33.09 -0.07 -35.74
CA ALA D 51 32.40 -0.49 -36.95
C ALA D 51 32.08 -1.99 -37.01
N SER D 52 33.03 -2.84 -36.58
CA SER D 52 32.87 -4.27 -36.83
C SER D 52 33.37 -5.18 -35.72
N THR D 53 33.72 -4.62 -34.57
CA THR D 53 34.14 -5.48 -33.47
C THR D 53 32.97 -5.84 -32.57
N LEU D 54 32.65 -7.13 -32.55
CA LEU D 54 31.57 -7.62 -31.73
C LEU D 54 31.87 -7.49 -30.24
N ALA D 55 30.95 -6.90 -29.50
CA ALA D 55 31.00 -6.95 -28.04
C ALA D 55 30.89 -8.41 -27.56
N SER D 56 31.44 -8.70 -26.39
CA SER D 56 31.48 -10.08 -25.93
C SER D 56 30.10 -10.67 -25.69
N GLY D 57 29.98 -11.98 -25.91
CA GLY D 57 28.72 -12.69 -25.71
C GLY D 57 27.72 -12.47 -26.82
N VAL D 58 27.99 -11.52 -27.71
CA VAL D 58 27.08 -11.19 -28.79
C VAL D 58 27.21 -12.23 -29.91
N PRO D 59 26.08 -12.81 -30.33
CA PRO D 59 26.10 -13.84 -31.38
C PRO D 59 26.72 -13.36 -32.70
N SER D 60 27.39 -14.28 -33.38
CA SER D 60 28.12 -13.97 -34.60
C SER D 60 27.20 -13.74 -35.79
N ARG D 61 25.89 -13.99 -35.63
CA ARG D 61 24.96 -13.66 -36.70
C ARG D 61 24.79 -12.14 -36.75
N PHE D 62 25.39 -11.45 -35.78
CA PHE D 62 25.55 -10.01 -35.85
C PHE D 62 26.90 -9.71 -36.50
N LYS D 63 26.88 -8.93 -37.57
CA LYS D 63 28.11 -8.53 -38.22
C LYS D 63 28.06 -7.04 -38.56
N GLY D 64 29.09 -6.31 -38.14
CA GLY D 64 29.16 -4.88 -38.44
C GLY D 64 30.15 -4.64 -39.55
N SER D 65 29.87 -3.66 -40.38
CA SER D 65 30.73 -3.47 -41.55
C SER D 65 30.77 -2.01 -41.93
N GLY D 66 31.70 -1.64 -42.80
CA GLY D 66 31.75 -0.29 -43.36
C GLY D 66 32.85 0.59 -42.80
N SER D 67 32.96 1.80 -43.35
CA SER D 67 34.03 2.74 -43.03
C SER D 67 33.79 4.09 -43.72
N GLY D 68 34.40 5.12 -43.17
CA GLY D 68 34.30 6.44 -43.78
C GLY D 68 32.95 7.07 -43.50
N THR D 69 32.02 6.91 -44.42
CA THR D 69 30.73 7.58 -44.32
C THR D 69 29.51 6.64 -44.32
N GLN D 70 29.70 5.37 -44.65
CA GLN D 70 28.58 4.43 -44.73
C GLN D 70 28.88 3.15 -43.95
N PHE D 71 27.93 2.78 -43.09
CA PHE D 71 28.10 1.64 -42.18
C PHE D 71 26.85 0.81 -42.13
N THR D 72 27.01 -0.50 -41.95
CA THR D 72 25.85 -1.36 -41.79
C THR D 72 25.98 -2.33 -40.62
N LEU D 73 24.83 -2.66 -40.03
CA LEU D 73 24.74 -3.78 -39.10
C LEU D 73 23.85 -4.80 -39.78
N THR D 74 24.38 -6.00 -39.98
CA THR D 74 23.64 -7.05 -40.67
C THR D 74 23.25 -8.12 -39.68
N ILE D 75 21.96 -8.41 -39.57
CA ILE D 75 21.53 -9.47 -38.69
C ILE D 75 21.11 -10.65 -39.54
N SER D 76 21.93 -11.69 -39.53
CA SER D 76 21.62 -12.89 -40.29
C SER D 76 20.83 -13.88 -39.47
N ASP D 77 20.07 -14.75 -40.15
CA ASP D 77 19.34 -15.82 -39.49
C ASP D 77 18.53 -15.28 -38.32
N LEU D 78 17.73 -14.25 -38.60
CA LEU D 78 16.92 -13.57 -37.59
C LEU D 78 16.31 -14.53 -36.57
N GLU D 79 16.44 -14.18 -35.29
CA GLU D 79 15.74 -14.90 -34.21
C GLU D 79 14.74 -13.96 -33.53
N CYS D 80 13.70 -14.52 -32.94
CA CYS D 80 12.76 -13.72 -32.15
C CYS D 80 13.45 -12.84 -31.13
N ALA D 81 14.56 -13.32 -30.58
CA ALA D 81 15.30 -12.60 -29.57
C ALA D 81 15.92 -11.31 -30.16
N ASP D 82 15.87 -11.18 -31.47
CA ASP D 82 16.47 -10.02 -32.11
C ASP D 82 15.50 -8.86 -32.21
N ALA D 83 14.23 -9.09 -31.85
CA ALA D 83 13.24 -8.00 -31.83
C ALA D 83 13.67 -6.88 -30.86
N ALA D 84 13.97 -5.70 -31.42
CA ALA D 84 14.54 -4.61 -30.65
C ALA D 84 14.60 -3.37 -31.52
N THR D 85 15.05 -2.26 -30.95
CA THR D 85 15.37 -1.09 -31.74
C THR D 85 16.89 -0.90 -31.73
N TYR D 86 17.46 -0.59 -32.89
CA TYR D 86 18.90 -0.54 -33.07
C TYR D 86 19.37 0.87 -33.34
N TYR D 87 20.50 1.26 -32.77
CA TYR D 87 21.05 2.59 -32.96
C TYR D 87 22.52 2.54 -33.35
N CYS D 88 22.90 3.36 -34.32
CA CYS D 88 24.31 3.62 -34.54
C CYS D 88 24.68 4.87 -33.74
N GLN D 89 25.97 5.02 -33.43
CA GLN D 89 26.46 6.16 -32.66
C GLN D 89 27.89 6.51 -33.03
N ASN D 90 28.14 7.81 -33.18
CA ASN D 90 29.50 8.35 -33.13
C ASN D 90 30.13 8.15 -31.77
N TYR D 91 31.41 7.86 -31.76
CA TYR D 91 32.16 7.86 -30.51
C TYR D 91 33.59 8.23 -30.86
N TYR D 92 33.97 9.45 -30.51
CA TYR D 92 35.23 10.03 -30.94
C TYR D 92 35.56 11.33 -30.21
N VAL D 93 36.77 11.41 -29.68
CA VAL D 93 37.34 12.65 -29.17
C VAL D 93 38.77 12.80 -29.71
N GLY D 94 38.96 13.72 -30.64
CA GLY D 94 40.27 13.98 -31.20
C GLY D 94 40.90 15.25 -30.66
N SER D 95 40.10 16.06 -29.95
CA SER D 95 40.55 17.27 -29.24
C SER D 95 39.38 17.86 -28.45
N SER D 96 39.60 18.99 -27.79
CA SER D 96 38.57 19.56 -26.93
C SER D 96 37.40 20.11 -27.73
N THR D 97 37.62 20.46 -28.99
CA THR D 97 36.55 20.97 -29.81
C THR D 97 36.12 19.97 -30.89
N ASN D 98 36.94 18.95 -31.12
CA ASN D 98 36.67 17.98 -32.19
C ASN D 98 36.24 16.60 -31.64
N TYR D 99 34.96 16.44 -31.38
CA TYR D 99 34.46 15.21 -30.79
C TYR D 99 33.11 14.85 -31.40
N ALA D 100 32.70 13.59 -31.29
CA ALA D 100 31.38 13.20 -31.77
C ALA D 100 30.82 12.08 -30.90
N PHE D 101 29.58 12.25 -30.47
CA PHE D 101 28.91 11.27 -29.59
C PHE D 101 27.44 11.01 -29.97
N THR D 102 26.95 11.65 -31.02
CA THR D 102 25.53 11.61 -31.38
C THR D 102 25.08 10.27 -31.97
N PHE D 103 23.81 9.97 -31.77
CA PHE D 103 23.20 8.74 -32.22
C PHE D 103 22.44 8.95 -33.50
N GLY D 104 22.29 7.87 -34.25
CA GLY D 104 21.36 7.81 -35.36
C GLY D 104 19.94 7.74 -34.82
N GLY D 105 18.97 7.95 -35.69
CA GLY D 105 17.58 7.98 -35.29
C GLY D 105 17.02 6.61 -34.96
N GLY D 106 17.74 5.56 -35.32
CA GLY D 106 17.33 4.22 -34.90
C GLY D 106 16.45 3.44 -35.86
N THR D 107 16.36 2.14 -35.60
CA THR D 107 15.62 1.21 -36.44
C THR D 107 14.86 0.18 -35.58
N GLU D 108 13.53 0.22 -35.65
CA GLU D 108 12.68 -0.76 -34.97
C GLU D 108 12.59 -2.04 -35.80
N VAL D 109 13.09 -3.15 -35.28
CA VAL D 109 13.04 -4.42 -35.99
C VAL D 109 11.94 -5.33 -35.46
N VAL D 110 10.99 -5.68 -36.31
CA VAL D 110 9.96 -6.65 -35.95
C VAL D 110 10.35 -8.03 -36.53
N VAL D 111 10.30 -9.07 -35.70
CA VAL D 111 10.63 -10.39 -36.19
C VAL D 111 9.34 -11.19 -36.42
N LYS D 112 9.10 -11.61 -37.66
CA LYS D 112 7.90 -12.35 -38.00
C LYS D 112 8.06 -13.84 -37.72
N GLY D 113 7.41 -14.32 -36.66
CA GLY D 113 7.48 -15.72 -36.27
C GLY D 113 6.25 -16.48 -36.70
N ASP D 114 6.04 -17.68 -36.15
CA ASP D 114 4.89 -18.46 -36.54
C ASP D 114 3.65 -17.85 -35.96
N PRO D 115 2.57 -17.82 -36.75
CA PRO D 115 1.28 -17.33 -36.29
C PRO D 115 0.78 -18.13 -35.10
N VAL D 116 0.28 -17.40 -34.10
CA VAL D 116 -0.40 -17.98 -32.95
C VAL D 116 -1.64 -17.17 -32.65
N ALA D 117 -2.81 -17.82 -32.67
CA ALA D 117 -4.05 -17.14 -32.31
C ALA D 117 -4.08 -16.81 -30.81
N PRO D 118 -4.65 -15.66 -30.45
CA PRO D 118 -4.71 -15.25 -29.03
C PRO D 118 -5.73 -16.03 -28.22
N THR D 119 -5.50 -16.16 -26.92
CA THR D 119 -6.59 -16.43 -25.99
C THR D 119 -6.90 -15.12 -25.27
N VAL D 120 -8.15 -14.97 -24.86
CA VAL D 120 -8.62 -13.71 -24.32
C VAL D 120 -9.19 -13.87 -22.92
N LEU D 121 -8.82 -12.95 -22.04
CA LEU D 121 -9.39 -12.91 -20.70
C LEU D 121 -10.09 -11.58 -20.50
N ILE D 122 -11.22 -11.60 -19.80
CA ILE D 122 -11.87 -10.34 -19.44
C ILE D 122 -12.01 -10.25 -17.91
N PHE D 123 -11.82 -9.05 -17.38
CA PHE D 123 -11.79 -8.85 -15.94
C PHE D 123 -12.81 -7.80 -15.52
N PRO D 124 -13.93 -8.24 -14.93
CA PRO D 124 -14.90 -7.27 -14.40
C PRO D 124 -14.24 -6.42 -13.33
N PRO D 125 -14.75 -5.20 -13.09
CA PRO D 125 -14.11 -4.31 -12.13
C PRO D 125 -14.28 -4.79 -10.69
N ALA D 126 -13.23 -4.69 -9.88
CA ALA D 126 -13.34 -4.93 -8.44
C ALA D 126 -14.53 -4.16 -7.83
N ALA D 127 -15.08 -4.72 -6.75
CA ALA D 127 -16.23 -4.14 -6.08
C ALA D 127 -16.03 -2.68 -5.63
N ASP D 128 -14.80 -2.30 -5.30
CA ASP D 128 -14.55 -0.97 -4.77
C ASP D 128 -14.27 0.09 -5.86
N GLN D 129 -14.34 -0.28 -7.14
CA GLN D 129 -14.17 0.72 -8.21
C GLN D 129 -15.32 1.73 -8.31
N VAL D 130 -16.57 1.25 -8.36
CA VAL D 130 -17.72 2.09 -8.66
C VAL D 130 -17.84 3.33 -7.77
N ALA D 131 -17.58 3.18 -6.47
CA ALA D 131 -17.65 4.30 -5.55
C ALA D 131 -16.75 5.48 -5.92
N THR D 132 -15.70 5.24 -6.73
CA THR D 132 -14.76 6.30 -7.12
C THR D 132 -15.33 7.19 -8.22
N GLY D 133 -16.43 6.77 -8.83
CA GLY D 133 -17.08 7.55 -9.87
C GLY D 133 -16.78 7.06 -11.28
N THR D 134 -15.72 6.27 -11.43
CA THR D 134 -15.40 5.62 -12.71
C THR D 134 -15.07 4.14 -12.51
N VAL D 135 -15.30 3.39 -13.58
CA VAL D 135 -15.11 1.96 -13.59
C VAL D 135 -14.26 1.56 -14.79
N THR D 136 -13.18 0.82 -14.54
CA THR D 136 -12.31 0.36 -15.63
C THR D 136 -12.34 -1.16 -15.78
N ILE D 137 -12.76 -1.63 -16.95
CA ILE D 137 -12.78 -3.05 -17.29
C ILE D 137 -11.50 -3.43 -18.03
N VAL D 138 -10.94 -4.60 -17.74
CA VAL D 138 -9.69 -4.97 -18.38
C VAL D 138 -9.87 -6.20 -19.27
N CYS D 139 -9.26 -6.16 -20.44
CA CYS D 139 -9.23 -7.28 -21.35
C CYS D 139 -7.79 -7.61 -21.74
N VAL D 140 -7.40 -8.88 -21.59
CA VAL D 140 -6.06 -9.31 -21.93
C VAL D 140 -6.11 -10.30 -23.09
N ALA D 141 -5.29 -10.05 -24.11
CA ALA D 141 -5.10 -11.00 -25.20
C ALA D 141 -3.76 -11.68 -25.02
N ASN D 142 -3.78 -13.00 -24.89
CA ASN D 142 -2.57 -13.75 -24.53
C ASN D 142 -1.81 -14.30 -25.72
N LYS D 143 -0.48 -14.13 -25.71
CA LYS D 143 0.44 -14.93 -26.52
C LYS D 143 0.00 -15.09 -27.96
N TYR D 144 0.12 -14.03 -28.75
CA TYR D 144 -0.37 -14.06 -30.12
C TYR D 144 0.63 -13.46 -31.10
N PHE D 145 0.47 -13.81 -32.37
CA PHE D 145 1.19 -13.20 -33.48
C PHE D 145 0.46 -13.58 -34.77
N PRO D 146 0.27 -12.62 -35.70
CA PRO D 146 0.67 -11.21 -35.65
C PRO D 146 -0.32 -10.34 -34.88
N ASP D 147 -0.23 -9.02 -35.07
CA ASP D 147 -0.97 -8.06 -34.28
C ASP D 147 -2.49 -8.30 -34.30
N VAL D 148 -3.15 -7.82 -33.26
CA VAL D 148 -4.60 -7.96 -33.15
C VAL D 148 -5.28 -6.60 -33.03
N THR D 149 -6.59 -6.57 -33.26
CA THR D 149 -7.40 -5.36 -33.07
C THR D 149 -8.43 -5.62 -31.98
N VAL D 150 -8.73 -4.62 -31.15
CA VAL D 150 -9.71 -4.80 -30.09
C VAL D 150 -10.97 -3.96 -30.24
N THR D 151 -12.11 -4.62 -30.08
CA THR D 151 -13.39 -3.94 -30.09
C THR D 151 -14.07 -4.14 -28.75
N TRP D 152 -14.50 -3.04 -28.16
CA TRP D 152 -15.29 -3.11 -26.93
C TRP D 152 -16.77 -2.91 -27.24
N GLU D 153 -17.63 -3.70 -26.62
CA GLU D 153 -19.07 -3.49 -26.78
C GLU D 153 -19.77 -3.43 -25.43
N VAL D 154 -20.70 -2.49 -25.31
CA VAL D 154 -21.54 -2.40 -24.13
C VAL D 154 -23.00 -2.55 -24.58
N ASP D 155 -23.65 -3.63 -24.15
CA ASP D 155 -24.98 -4.00 -24.65
C ASP D 155 -25.05 -3.99 -26.18
N GLY D 156 -24.04 -4.60 -26.81
CA GLY D 156 -23.98 -4.67 -28.26
C GLY D 156 -23.50 -3.42 -29.00
N THR D 157 -23.39 -2.31 -28.28
CA THR D 157 -22.97 -1.04 -28.87
C THR D 157 -21.45 -0.82 -28.80
N THR D 158 -20.82 -0.59 -29.94
CA THR D 158 -19.37 -0.44 -30.02
C THR D 158 -18.92 0.87 -29.38
N GLN D 159 -17.90 0.77 -28.51
CA GLN D 159 -17.40 1.94 -27.81
C GLN D 159 -16.39 2.67 -28.65
N THR D 160 -16.44 4.00 -28.67
CA THR D 160 -15.45 4.78 -29.44
C THR D 160 -14.61 5.71 -28.58
N THR D 161 -14.86 5.73 -27.27
CA THR D 161 -14.01 6.48 -26.35
C THR D 161 -13.68 5.70 -25.10
N GLY D 162 -12.71 6.21 -24.35
CA GLY D 162 -12.35 5.64 -23.07
C GLY D 162 -11.70 4.29 -23.17
N ILE D 163 -11.02 4.04 -24.30
CA ILE D 163 -10.23 2.82 -24.47
C ILE D 163 -8.73 3.13 -24.51
N GLU D 164 -7.94 2.37 -23.76
CA GLU D 164 -6.48 2.45 -23.87
C GLU D 164 -5.90 1.06 -24.09
N ASN D 165 -4.93 0.96 -24.99
CA ASN D 165 -4.35 -0.33 -25.31
C ASN D 165 -2.85 -0.36 -25.01
N SER D 166 -2.40 -1.48 -24.46
CA SER D 166 -0.99 -1.61 -24.06
C SER D 166 -0.42 -2.97 -24.42
N LYS D 167 0.79 -2.97 -24.99
CA LYS D 167 1.34 -4.19 -25.57
C LYS D 167 2.73 -4.54 -25.06
N THR D 168 2.90 -5.78 -24.61
CA THR D 168 4.23 -6.26 -24.22
C THR D 168 5.13 -6.39 -25.46
N PRO D 169 6.45 -6.38 -25.26
CA PRO D 169 7.35 -6.57 -26.41
C PRO D 169 7.34 -8.00 -26.90
N GLN D 170 7.95 -8.24 -28.06
CA GLN D 170 7.95 -9.58 -28.63
C GLN D 170 8.68 -10.55 -27.73
N ASN D 171 8.05 -11.67 -27.45
CA ASN D 171 8.69 -12.73 -26.69
C ASN D 171 9.95 -13.23 -27.42
N SER D 172 11.05 -13.38 -26.68
CA SER D 172 12.33 -13.73 -27.27
C SER D 172 12.43 -15.19 -27.72
N ALA D 173 11.39 -15.96 -27.47
CA ALA D 173 11.39 -17.35 -27.89
C ALA D 173 10.51 -17.57 -29.11
N ASP D 174 9.27 -17.10 -29.04
CA ASP D 174 8.29 -17.37 -30.09
C ASP D 174 7.70 -16.14 -30.78
N CYS D 175 8.30 -14.98 -30.52
CA CYS D 175 7.90 -13.70 -31.11
C CYS D 175 6.52 -13.15 -30.68
N THR D 176 5.84 -13.79 -29.73
CA THR D 176 4.47 -13.36 -29.45
C THR D 176 4.33 -12.07 -28.62
N TYR D 177 3.21 -11.38 -28.85
CA TYR D 177 2.75 -10.25 -28.03
C TYR D 177 1.76 -10.67 -26.97
N ASN D 178 1.55 -9.77 -26.01
CA ASN D 178 0.41 -9.80 -25.11
C ASN D 178 -0.14 -8.40 -25.12
N LEU D 179 -1.46 -8.28 -24.99
CA LEU D 179 -2.10 -6.99 -25.09
C LEU D 179 -2.99 -6.77 -23.89
N SER D 180 -2.90 -5.58 -23.30
CA SER D 180 -3.87 -5.19 -22.29
C SER D 180 -4.76 -4.07 -22.81
N SER D 181 -6.06 -4.32 -22.88
CA SER D 181 -7.01 -3.31 -23.30
C SER D 181 -7.86 -2.88 -22.12
N THR D 182 -8.11 -1.58 -21.99
CA THR D 182 -9.03 -1.13 -20.94
C THR D 182 -10.16 -0.24 -21.45
N LEU D 183 -11.32 -0.40 -20.85
CA LEU D 183 -12.45 0.47 -21.09
C LEU D 183 -12.81 1.19 -19.80
N THR D 184 -12.91 2.50 -19.87
CA THR D 184 -13.32 3.27 -18.71
C THR D 184 -14.64 3.99 -18.94
N LEU D 185 -15.61 3.70 -18.08
CA LEU D 185 -16.91 4.35 -18.10
C LEU D 185 -17.15 5.04 -16.76
N THR D 186 -18.10 5.96 -16.71
CA THR D 186 -18.49 6.50 -15.42
C THR D 186 -19.32 5.43 -14.72
N SER D 187 -19.35 5.50 -13.38
CA SER D 187 -20.07 4.52 -12.60
C SER D 187 -21.55 4.45 -13.00
N THR D 188 -22.13 5.61 -13.31
CA THR D 188 -23.51 5.65 -13.78
C THR D 188 -23.67 4.78 -15.02
N GLN D 189 -22.88 5.08 -16.05
CA GLN D 189 -22.90 4.31 -17.28
C GLN D 189 -22.69 2.82 -17.02
N TYR D 190 -21.71 2.49 -16.17
CA TYR D 190 -21.44 1.09 -15.89
C TYR D 190 -22.67 0.42 -15.24
N ASN D 191 -23.28 1.12 -14.30
CA ASN D 191 -24.44 0.58 -13.59
C ASN D 191 -25.66 0.36 -14.49
N SER D 192 -25.82 1.19 -15.52
CA SER D 192 -27.03 1.18 -16.34
C SER D 192 -26.96 0.35 -17.62
N HIS D 193 -25.90 -0.45 -17.76
CA HIS D 193 -25.84 -1.45 -18.83
C HIS D 193 -25.51 -2.81 -18.24
N LYS D 194 -25.66 -3.86 -19.05
CA LYS D 194 -25.52 -5.22 -18.55
C LYS D 194 -24.38 -6.03 -19.19
N GLU D 195 -24.34 -6.12 -20.51
CA GLU D 195 -23.37 -6.99 -21.15
C GLU D 195 -22.10 -6.23 -21.56
N TYR D 196 -20.95 -6.77 -21.17
CA TYR D 196 -19.67 -6.13 -21.46
C TYR D 196 -18.75 -7.04 -22.24
N THR D 197 -18.40 -6.60 -23.45
CA THR D 197 -17.82 -7.48 -24.45
C THR D 197 -16.50 -6.95 -25.00
N CYS D 198 -15.49 -7.80 -24.91
CA CYS D 198 -14.20 -7.55 -25.51
C CYS D 198 -13.98 -8.48 -26.72
N LYS D 199 -13.88 -7.91 -27.92
CA LYS D 199 -13.63 -8.73 -29.12
C LYS D 199 -12.25 -8.46 -29.72
N VAL D 200 -11.46 -9.53 -29.80
CA VAL D 200 -10.09 -9.44 -30.29
C VAL D 200 -9.98 -10.08 -31.66
N THR D 201 -9.56 -9.29 -32.64
CA THR D 201 -9.58 -9.73 -34.03
C THR D 201 -8.16 -9.88 -34.56
N GLN D 202 -7.88 -11.04 -35.13
CA GLN D 202 -6.59 -11.32 -35.76
C GLN D 202 -6.83 -11.81 -37.18
N GLY D 203 -6.76 -10.88 -38.13
CA GLY D 203 -7.03 -11.20 -39.52
C GLY D 203 -8.47 -11.67 -39.65
N THR D 204 -8.63 -12.92 -40.07
CA THR D 204 -9.96 -13.45 -40.31
C THR D 204 -10.50 -14.18 -39.08
N THR D 205 -9.77 -14.05 -37.97
CA THR D 205 -10.12 -14.75 -36.74
C THR D 205 -10.49 -13.80 -35.61
N SER D 206 -11.53 -14.13 -34.85
CA SER D 206 -11.93 -13.31 -33.70
C SER D 206 -12.24 -14.13 -32.47
N VAL D 207 -11.82 -13.64 -31.31
CA VAL D 207 -12.12 -14.31 -30.05
C VAL D 207 -12.84 -13.33 -29.14
N VAL D 208 -13.98 -13.74 -28.63
CA VAL D 208 -14.84 -12.85 -27.90
C VAL D 208 -14.99 -13.34 -26.46
N GLN D 209 -14.74 -12.43 -25.51
CA GLN D 209 -15.02 -12.69 -24.13
C GLN D 209 -15.95 -11.61 -23.61
N SER D 210 -17.02 -12.01 -22.94
CA SER D 210 -17.89 -11.04 -22.35
C SER D 210 -18.25 -11.42 -20.91
N PHE D 211 -18.88 -10.49 -20.20
CA PHE D 211 -19.45 -10.82 -18.90
C PHE D 211 -20.72 -10.01 -18.68
N ASN D 212 -21.58 -10.51 -17.81
CA ASN D 212 -22.77 -9.75 -17.49
C ASN D 212 -22.68 -9.18 -16.10
N ARG D 213 -22.69 -7.85 -16.02
CA ARG D 213 -22.75 -7.18 -14.73
C ARG D 213 -24.01 -7.69 -14.02
N GLY D 214 -23.84 -8.22 -12.82
CA GLY D 214 -24.95 -8.86 -12.14
C GLY D 214 -24.61 -10.30 -11.81
N ASP D 215 -23.91 -10.95 -12.74
CA ASP D 215 -23.35 -12.27 -12.47
C ASP D 215 -21.98 -12.12 -11.82
N CYS D 216 -21.59 -10.87 -11.56
CA CYS D 216 -20.24 -10.55 -11.08
C CYS D 216 -20.23 -9.70 -9.81
N GLN E 1 31.85 -3.78 -12.54
CA GLN E 1 31.50 -2.43 -12.98
C GLN E 1 30.00 -2.23 -13.15
N SER E 2 29.49 -1.14 -12.58
CA SER E 2 28.07 -0.81 -12.75
C SER E 2 27.76 0.67 -12.46
N LEU E 3 26.70 1.16 -13.09
CA LEU E 3 26.30 2.56 -12.97
C LEU E 3 24.90 2.67 -12.43
N GLU E 4 24.64 3.65 -11.57
CA GLU E 4 23.27 3.85 -11.11
C GLU E 4 22.90 5.33 -11.02
N GLU E 5 21.79 5.68 -11.65
CA GLU E 5 21.32 7.06 -11.65
C GLU E 5 20.34 7.32 -10.50
N SER E 6 20.47 8.50 -9.89
CA SER E 6 19.48 8.99 -8.94
C SER E 6 19.32 10.51 -9.08
N GLY E 7 18.27 11.04 -8.44
CA GLY E 7 17.98 12.47 -8.47
C GLY E 7 16.87 12.81 -9.46
N GLY E 8 16.23 11.79 -10.00
CA GLY E 8 15.17 11.99 -10.96
C GLY E 8 13.85 12.22 -10.26
N GLY E 9 12.76 11.96 -10.96
CA GLY E 9 11.44 12.22 -10.42
C GLY E 9 10.80 13.44 -11.06
N PRO E 10 9.73 13.94 -10.43
CA PRO E 10 8.97 15.09 -10.93
C PRO E 10 9.73 16.40 -10.75
N VAL E 11 9.42 17.35 -11.62
CA VAL E 11 9.99 18.68 -11.51
C VAL E 11 9.07 19.62 -12.26
N LYS E 12 8.90 20.83 -11.73
CA LYS E 12 7.97 21.77 -12.35
C LYS E 12 8.63 22.50 -13.54
N PRO E 13 7.82 22.97 -14.49
CA PRO E 13 8.36 23.65 -15.66
C PRO E 13 9.13 24.89 -15.23
N GLY E 14 10.31 25.11 -15.80
CA GLY E 14 11.14 26.22 -15.37
C GLY E 14 11.98 25.87 -14.15
N GLY E 15 11.94 24.62 -13.71
CA GLY E 15 12.68 24.24 -12.52
C GLY E 15 13.99 23.55 -12.86
N THR E 16 14.67 23.00 -11.85
CA THR E 16 16.01 22.43 -12.01
C THR E 16 16.13 21.08 -11.29
N LEU E 17 16.80 20.13 -11.91
CA LEU E 17 17.16 18.89 -11.23
C LEU E 17 18.65 18.67 -11.40
N THR E 18 19.25 18.00 -10.43
CA THR E 18 20.61 17.59 -10.55
C THR E 18 20.61 16.07 -10.52
N LEU E 19 20.99 15.46 -11.64
CA LEU E 19 21.08 14.00 -11.67
C LEU E 19 22.45 13.59 -11.20
N THR E 20 22.51 12.46 -10.50
CA THR E 20 23.79 11.90 -10.07
C THR E 20 23.95 10.46 -10.59
N CYS E 21 25.09 10.21 -11.22
CA CYS E 21 25.49 8.86 -11.59
C CYS E 21 26.49 8.31 -10.57
N LYS E 22 26.14 7.21 -9.92
CA LYS E 22 27.07 6.52 -9.02
C LYS E 22 27.69 5.28 -9.69
N ALA E 23 29.02 5.25 -9.75
CA ALA E 23 29.74 4.13 -10.33
C ALA E 23 30.33 3.22 -9.25
N SER E 24 30.16 1.91 -9.43
CA SER E 24 30.71 0.90 -8.51
C SER E 24 31.63 -0.09 -9.23
N GLY E 25 32.59 -0.65 -8.49
CA GLY E 25 33.47 -1.67 -9.04
C GLY E 25 34.36 -1.17 -10.17
N ILE E 26 34.75 0.09 -10.12
CA ILE E 26 35.50 0.67 -11.22
C ILE E 26 37.00 0.73 -10.91
N ASP E 27 37.76 1.05 -11.95
CA ASP E 27 39.21 0.96 -11.94
C ASP E 27 39.81 2.36 -12.15
N PHE E 28 40.45 2.89 -11.11
CA PHE E 28 40.93 4.27 -11.12
C PHE E 28 42.28 4.44 -11.82
N SER E 29 42.77 3.39 -12.47
CA SER E 29 44.05 3.49 -13.19
C SER E 29 43.80 3.65 -14.68
N SER E 30 42.54 3.49 -15.08
CA SER E 30 42.13 3.79 -16.44
C SER E 30 41.25 5.03 -16.46
N PHE E 31 41.28 5.74 -17.59
CA PHE E 31 40.45 6.91 -17.78
C PHE E 31 39.27 6.58 -18.70
N TYR E 32 38.12 7.17 -18.41
CA TYR E 32 36.89 6.88 -19.14
C TYR E 32 36.13 8.12 -19.56
N TYR E 33 35.15 7.93 -20.43
CA TYR E 33 34.18 8.98 -20.70
C TYR E 33 32.86 8.62 -20.01
N MET E 34 32.43 9.51 -19.12
CA MET E 34 31.17 9.36 -18.41
C MET E 34 30.16 10.25 -19.10
N CYS E 35 29.08 9.65 -19.59
CA CYS E 35 28.13 10.34 -20.45
C CYS E 35 26.70 10.26 -19.97
N TRP E 36 25.90 11.23 -20.40
CA TRP E 36 24.47 11.18 -20.17
C TRP E 36 23.74 11.11 -21.49
N VAL E 37 22.77 10.21 -21.57
CA VAL E 37 21.98 10.00 -22.77
C VAL E 37 20.53 9.91 -22.35
N ARG E 38 19.65 10.69 -22.97
CA ARG E 38 18.24 10.67 -22.59
C ARG E 38 17.35 10.07 -23.67
N GLN E 39 16.17 9.67 -23.26
CA GLN E 39 15.26 9.04 -24.19
C GLN E 39 13.84 9.34 -23.79
N ALA E 40 13.20 10.23 -24.54
CA ALA E 40 11.82 10.58 -24.30
C ALA E 40 10.96 9.39 -24.68
N PRO E 41 9.79 9.22 -24.04
CA PRO E 41 8.92 8.07 -24.32
C PRO E 41 8.64 7.89 -25.81
N GLY E 42 8.89 6.69 -26.33
CA GLY E 42 8.67 6.39 -27.74
C GLY E 42 9.68 7.02 -28.71
N LYS E 43 10.70 7.70 -28.17
CA LYS E 43 11.67 8.40 -29.01
C LYS E 43 13.05 7.72 -29.00
N GLY E 44 14.00 8.26 -29.75
CA GLY E 44 15.30 7.62 -29.84
C GLY E 44 16.24 8.06 -28.72
N LEU E 45 17.44 7.48 -28.70
CA LEU E 45 18.50 7.92 -27.81
C LEU E 45 19.02 9.30 -28.26
N GLU E 46 19.21 10.21 -27.31
CA GLU E 46 19.71 11.56 -27.58
C GLU E 46 20.86 11.89 -26.64
N TRP E 47 22.08 11.94 -27.17
CA TRP E 47 23.28 12.24 -26.38
C TRP E 47 23.19 13.65 -25.77
N ILE E 48 23.57 13.77 -24.50
CA ILE E 48 23.53 15.07 -23.82
C ILE E 48 24.94 15.62 -23.61
N ALA E 49 25.77 14.86 -22.89
CA ALA E 49 27.11 15.35 -22.57
C ALA E 49 28.02 14.24 -22.11
N CYS E 50 29.32 14.53 -22.15
CA CYS E 50 30.34 13.64 -21.64
C CYS E 50 31.41 14.39 -20.88
N ILE E 51 32.05 13.71 -19.93
CA ILE E 51 33.20 14.27 -19.26
C ILE E 51 34.23 13.18 -19.11
N VAL E 52 35.51 13.55 -19.22
CA VAL E 52 36.59 12.58 -19.08
C VAL E 52 36.96 12.45 -17.60
N THR E 53 37.39 11.26 -17.19
CA THR E 53 37.66 11.03 -15.79
C THR E 53 39.12 11.28 -15.40
N ASP E 54 39.93 11.80 -16.33
CA ASP E 54 41.29 12.19 -15.94
C ASP E 54 41.26 13.53 -15.19
N ILE E 55 42.44 13.97 -14.78
CA ILE E 55 42.54 15.13 -13.90
C ILE E 55 41.96 16.42 -14.52
N THR E 56 41.99 16.54 -15.85
CA THR E 56 41.50 17.75 -16.53
C THR E 56 39.99 17.93 -16.43
N GLY E 57 39.25 16.82 -16.39
CA GLY E 57 37.81 16.89 -16.36
C GLY E 57 37.22 17.65 -17.54
N GLU E 58 37.90 17.58 -18.68
CA GLU E 58 37.41 18.18 -19.91
C GLU E 58 36.01 17.63 -20.25
N SER E 59 35.11 18.52 -20.61
CA SER E 59 33.71 18.14 -20.86
C SER E 59 33.26 18.44 -22.28
N TYR E 60 32.31 17.65 -22.79
CA TYR E 60 31.85 17.72 -24.17
C TYR E 60 30.34 17.77 -24.19
N TYR E 61 29.76 18.76 -24.88
CA TYR E 61 28.31 18.95 -24.89
C TYR E 61 27.67 18.86 -26.27
N ALA E 62 26.48 18.24 -26.31
CA ALA E 62 25.62 18.38 -27.47
C ALA E 62 25.21 19.85 -27.58
N THR E 63 25.22 20.39 -28.80
CA THR E 63 24.95 21.82 -28.99
C THR E 63 23.68 22.31 -28.30
N TRP E 64 22.60 21.54 -28.44
CA TRP E 64 21.32 21.88 -27.83
C TRP E 64 21.40 21.88 -26.30
N ALA E 65 22.40 21.19 -25.73
CA ALA E 65 22.46 21.06 -24.28
C ALA E 65 23.42 22.08 -23.64
N LYS E 66 24.22 22.75 -24.46
CA LYS E 66 25.28 23.60 -23.93
C LYS E 66 24.75 24.80 -23.11
N GLY E 67 23.50 25.17 -23.32
CA GLY E 67 22.93 26.28 -22.57
C GLY E 67 22.50 25.95 -21.15
N ARG E 68 21.65 24.96 -21.00
CA ARG E 68 21.00 24.71 -19.72
C ARG E 68 21.57 23.55 -18.89
N PHE E 69 22.47 22.76 -19.46
CA PHE E 69 22.99 21.59 -18.73
C PHE E 69 24.46 21.74 -18.34
N ALA E 70 24.85 21.05 -17.27
CA ALA E 70 26.24 21.03 -16.86
C ALA E 70 26.62 19.66 -16.31
N ILE E 71 27.66 19.07 -16.88
CA ILE E 71 28.15 17.79 -16.41
C ILE E 71 29.38 18.03 -15.54
N SER E 72 29.41 17.38 -14.37
CA SER E 72 30.48 17.60 -13.39
C SER E 72 30.98 16.30 -12.77
N LYS E 73 32.29 16.19 -12.53
CA LYS E 73 32.80 15.07 -11.75
C LYS E 73 32.94 15.54 -10.30
N THR E 74 32.13 14.99 -9.42
CA THR E 74 32.07 15.47 -8.05
C THR E 74 32.85 14.59 -7.07
N SER E 75 33.24 13.40 -7.53
CA SER E 75 34.09 12.49 -6.77
C SER E 75 34.64 11.43 -7.72
N SER E 76 35.47 10.54 -7.22
CA SER E 76 36.05 9.49 -8.04
C SER E 76 34.96 8.55 -8.56
N THR E 77 33.83 8.48 -7.86
CA THR E 77 32.75 7.56 -8.22
C THR E 77 31.42 8.22 -8.53
N THR E 78 31.39 9.54 -8.65
CA THR E 78 30.12 10.21 -8.94
C THR E 78 30.26 11.29 -10.00
N VAL E 79 29.26 11.36 -10.87
CA VAL E 79 29.17 12.40 -11.87
C VAL E 79 27.76 12.95 -11.81
N THR E 80 27.64 14.27 -11.87
CA THR E 80 26.34 14.89 -11.83
C THR E 80 25.95 15.50 -13.18
N LEU E 81 24.66 15.62 -13.39
CA LEU E 81 24.15 16.40 -14.50
C LEU E 81 23.12 17.36 -13.97
N GLN E 82 23.44 18.65 -13.97
CA GLN E 82 22.45 19.65 -13.58
C GLN E 82 21.66 20.06 -14.82
N MET E 83 20.34 20.10 -14.67
CA MET E 83 19.44 20.36 -15.78
C MET E 83 18.52 21.52 -15.40
N THR E 84 18.66 22.63 -16.10
CA THR E 84 18.02 23.88 -15.66
C THR E 84 16.98 24.35 -16.64
N SER E 85 16.08 25.20 -16.15
CA SER E 85 15.01 25.80 -16.97
C SER E 85 14.24 24.75 -17.75
N LEU E 86 13.87 23.67 -17.09
CA LEU E 86 13.29 22.51 -17.75
C LEU E 86 11.90 22.76 -18.33
N THR E 87 11.61 22.13 -19.47
CA THR E 87 10.29 22.16 -20.09
C THR E 87 9.84 20.72 -20.37
N ALA E 88 8.58 20.56 -20.78
CA ALA E 88 8.02 19.24 -21.08
C ALA E 88 8.86 18.50 -22.10
N ALA E 89 9.58 19.25 -22.93
CA ALA E 89 10.45 18.65 -23.93
C ALA E 89 11.66 17.94 -23.29
N ASP E 90 11.92 18.19 -22.01
CA ASP E 90 12.99 17.51 -21.29
C ASP E 90 12.51 16.25 -20.52
N THR E 91 11.22 15.96 -20.58
CA THR E 91 10.67 14.74 -19.97
C THR E 91 11.25 13.54 -20.69
N ALA E 92 11.91 12.66 -19.95
CA ALA E 92 12.64 11.56 -20.53
C ALA E 92 13.26 10.63 -19.49
N THR E 93 13.66 9.44 -19.94
CA THR E 93 14.54 8.62 -19.13
C THR E 93 15.96 9.07 -19.38
N TYR E 94 16.69 9.29 -18.30
CA TYR E 94 18.08 9.74 -18.40
C TYR E 94 19.04 8.62 -18.00
N PHE E 95 19.83 8.18 -18.96
CA PHE E 95 20.82 7.14 -18.75
C PHE E 95 22.18 7.73 -18.45
N CYS E 96 22.82 7.22 -17.40
CA CYS E 96 24.24 7.38 -17.26
C CYS E 96 24.93 6.20 -17.96
N ALA E 97 26.01 6.49 -18.68
CA ALA E 97 26.73 5.43 -19.41
C ALA E 97 28.21 5.74 -19.47
N ARG E 98 29.01 4.67 -19.56
CA ARG E 98 30.46 4.82 -19.58
C ARG E 98 31.07 4.08 -20.75
N GLY E 99 32.16 4.63 -21.28
CA GLY E 99 32.94 3.99 -22.32
C GLY E 99 34.41 4.28 -22.10
N ASP E 100 35.30 3.59 -22.83
CA ASP E 100 36.73 3.81 -22.66
C ASP E 100 37.22 5.05 -23.41
N THR E 101 38.35 5.58 -22.96
CA THR E 101 39.08 6.59 -23.71
C THR E 101 40.01 5.89 -24.69
N TYR E 102 40.63 6.64 -25.60
CA TYR E 102 41.30 6.00 -26.74
C TYR E 102 42.47 5.08 -26.32
N GLY E 103 43.29 5.54 -25.38
CA GLY E 103 44.49 4.82 -25.02
C GLY E 103 45.42 4.76 -26.21
N TYR E 104 45.90 3.56 -26.52
CA TYR E 104 46.77 3.35 -27.67
C TYR E 104 46.03 2.65 -28.81
N GLY E 105 44.70 2.66 -28.74
CA GLY E 105 43.90 2.21 -29.87
C GLY E 105 43.19 0.87 -29.72
N ASP E 106 43.37 0.20 -28.58
CA ASP E 106 42.73 -1.09 -28.37
C ASP E 106 41.85 -1.12 -27.13
N THR E 107 41.12 -0.03 -26.88
CA THR E 107 40.12 -0.02 -25.84
C THR E 107 38.75 -0.27 -26.45
N VAL E 108 37.72 -0.34 -25.62
CA VAL E 108 36.37 -0.41 -26.16
C VAL E 108 35.86 1.03 -26.30
N TYR E 109 36.23 1.62 -27.44
CA TYR E 109 35.92 3.02 -27.76
C TYR E 109 34.47 3.18 -28.16
N ALA E 110 33.57 2.92 -27.22
CA ALA E 110 32.14 3.13 -27.40
C ALA E 110 31.49 3.06 -26.00
N LEU E 111 30.18 3.22 -25.87
CA LEU E 111 29.58 3.21 -24.54
C LEU E 111 29.18 1.79 -24.11
N ASN E 112 30.04 1.11 -23.36
CA ASN E 112 29.81 -0.32 -23.10
C ASN E 112 29.14 -0.60 -21.76
N LEU E 113 29.16 0.36 -20.86
CA LEU E 113 28.46 0.24 -19.58
C LEU E 113 27.29 1.22 -19.52
N TRP E 114 26.12 0.71 -19.11
CA TRP E 114 24.91 1.53 -18.98
C TRP E 114 24.25 1.32 -17.64
N GLY E 115 23.71 2.39 -17.06
CA GLY E 115 22.86 2.32 -15.88
C GLY E 115 21.46 1.99 -16.34
N PRO E 116 20.54 1.74 -15.40
CA PRO E 116 19.16 1.42 -15.81
C PRO E 116 18.35 2.66 -16.21
N GLY E 117 18.84 3.85 -15.89
CA GLY E 117 18.15 5.07 -16.25
C GLY E 117 17.18 5.58 -15.19
N THR E 118 17.09 6.89 -15.05
CA THR E 118 16.10 7.45 -14.13
C THR E 118 15.13 8.34 -14.92
N LEU E 119 13.85 8.26 -14.57
CA LEU E 119 12.80 8.93 -15.31
C LEU E 119 12.48 10.32 -14.74
N VAL E 120 12.59 11.33 -15.60
CA VAL E 120 12.32 12.71 -15.24
C VAL E 120 11.02 13.20 -15.88
N THR E 121 10.12 13.75 -15.08
CA THR E 121 8.88 14.31 -15.62
C THR E 121 8.75 15.79 -15.28
N VAL E 122 8.83 16.63 -16.32
CA VAL E 122 8.66 18.07 -16.18
C VAL E 122 7.19 18.44 -16.35
N SER E 123 6.51 18.63 -15.23
CA SER E 123 5.07 18.91 -15.29
C SER E 123 4.66 19.75 -14.10
N SER E 124 3.61 20.54 -14.27
CA SER E 124 3.07 21.30 -13.14
C SER E 124 2.22 20.41 -12.21
N GLY E 125 1.75 19.27 -12.71
CA GLY E 125 0.87 18.42 -11.92
C GLY E 125 1.49 17.80 -10.68
N GLN E 126 0.90 18.06 -9.51
CA GLN E 126 1.38 17.44 -8.28
C GLN E 126 1.35 15.92 -8.39
N PRO E 127 2.39 15.25 -7.86
CA PRO E 127 2.38 13.80 -7.83
C PRO E 127 1.16 13.26 -7.09
N LYS E 128 0.64 12.15 -7.60
CA LYS E 128 -0.54 11.51 -7.06
C LYS E 128 -0.26 10.00 -6.94
N ALA E 129 -0.41 9.46 -5.73
CA ALA E 129 -0.30 8.02 -5.48
C ALA E 129 -1.36 7.24 -6.27
N PRO E 130 -1.01 6.02 -6.71
CA PRO E 130 -1.97 5.17 -7.44
C PRO E 130 -3.01 4.47 -6.54
N SER E 131 -4.17 4.14 -7.12
CA SER E 131 -5.08 3.16 -6.54
C SER E 131 -4.73 1.80 -7.13
N VAL E 132 -4.89 0.73 -6.36
CA VAL E 132 -4.66 -0.60 -6.90
C VAL E 132 -5.91 -1.47 -6.71
N PHE E 133 -6.45 -1.96 -7.81
CA PHE E 133 -7.62 -2.83 -7.79
C PHE E 133 -7.26 -4.25 -8.25
N PRO E 134 -7.84 -5.27 -7.61
CA PRO E 134 -7.56 -6.63 -8.06
C PRO E 134 -8.21 -6.94 -9.40
N LEU E 135 -7.61 -7.87 -10.15
CA LEU E 135 -8.21 -8.41 -11.37
C LEU E 135 -8.37 -9.90 -11.18
N ALA E 136 -9.60 -10.35 -11.30
CA ALA E 136 -9.94 -11.75 -11.18
C ALA E 136 -11.15 -12.01 -12.07
N PRO E 137 -11.30 -13.26 -12.54
CA PRO E 137 -12.44 -13.57 -13.42
C PRO E 137 -13.78 -13.46 -12.73
N CYS E 138 -14.82 -13.27 -13.54
CA CYS E 138 -16.20 -13.28 -13.07
C CYS E 138 -16.42 -14.52 -12.20
N CYS E 139 -17.03 -14.32 -11.03
CA CYS E 139 -17.32 -15.43 -10.12
C CYS E 139 -18.35 -16.36 -10.75
N GLY E 140 -19.28 -15.79 -11.51
CA GLY E 140 -20.29 -16.55 -12.23
C GLY E 140 -19.74 -17.50 -13.29
N ASP E 141 -18.42 -17.49 -13.48
CA ASP E 141 -17.76 -18.47 -14.33
C ASP E 141 -17.38 -19.68 -13.48
N THR E 142 -17.12 -20.81 -14.14
CA THR E 142 -16.63 -22.00 -13.45
C THR E 142 -15.12 -21.99 -13.38
N PRO E 143 -14.56 -22.13 -12.15
CA PRO E 143 -13.11 -22.12 -11.95
C PRO E 143 -12.38 -23.22 -12.74
N SER E 144 -11.11 -22.95 -13.07
CA SER E 144 -10.26 -23.91 -13.75
C SER E 144 -9.21 -24.43 -12.77
N SER E 145 -8.33 -25.31 -13.25
CA SER E 145 -7.23 -25.81 -12.42
C SER E 145 -6.15 -24.73 -12.27
N THR E 146 -6.13 -23.80 -13.23
CA THR E 146 -5.25 -22.64 -13.16
C THR E 146 -6.01 -21.37 -13.51
N VAL E 147 -5.66 -20.30 -12.84
CA VAL E 147 -6.34 -19.03 -13.04
C VAL E 147 -5.32 -17.92 -13.24
N THR E 148 -5.67 -16.95 -14.08
CA THR E 148 -4.87 -15.74 -14.24
C THR E 148 -5.45 -14.65 -13.36
N LEU E 149 -4.61 -14.10 -12.49
CA LEU E 149 -5.01 -13.03 -11.59
C LEU E 149 -4.18 -11.82 -11.94
N GLY E 150 -4.57 -10.65 -11.44
CA GLY E 150 -3.81 -9.45 -11.69
C GLY E 150 -4.08 -8.24 -10.81
N CYS E 151 -3.41 -7.14 -11.14
CA CYS E 151 -3.62 -5.89 -10.46
C CYS E 151 -3.72 -4.77 -11.48
N LEU E 152 -4.69 -3.88 -11.29
CA LEU E 152 -4.83 -2.70 -12.13
C LEU E 152 -4.37 -1.49 -11.32
N VAL E 153 -3.25 -0.91 -11.71
CA VAL E 153 -2.73 0.28 -11.06
C VAL E 153 -3.28 1.52 -11.78
N LYS E 154 -4.12 2.29 -11.10
CA LYS E 154 -4.88 3.35 -11.74
C LYS E 154 -4.65 4.73 -11.14
N GLY E 155 -4.50 5.73 -12.01
CA GLY E 155 -4.52 7.12 -11.60
C GLY E 155 -3.31 7.70 -10.89
N TYR E 156 -2.10 7.34 -11.32
CA TYR E 156 -0.92 7.86 -10.64
C TYR E 156 -0.23 8.90 -11.50
N LEU E 157 0.69 9.64 -10.87
CA LEU E 157 1.40 10.73 -11.51
C LEU E 157 2.58 11.11 -10.64
N PRO E 158 3.77 11.28 -11.23
CA PRO E 158 4.04 10.97 -12.63
C PRO E 158 4.40 9.51 -12.76
N GLU E 159 5.01 9.14 -13.88
CA GLU E 159 5.67 7.86 -13.98
C GLU E 159 6.96 7.92 -13.16
N PRO E 160 7.50 6.76 -12.77
CA PRO E 160 6.98 5.41 -12.99
C PRO E 160 6.30 4.78 -11.78
N VAL E 161 5.76 3.60 -12.01
CA VAL E 161 5.36 2.68 -10.98
C VAL E 161 6.08 1.36 -11.26
N THR E 162 6.66 0.72 -10.25
CA THR E 162 7.16 -0.64 -10.42
C THR E 162 6.22 -1.65 -9.76
N VAL E 163 6.17 -2.85 -10.31
CA VAL E 163 5.31 -3.92 -9.83
C VAL E 163 6.06 -5.23 -9.62
N THR E 164 5.91 -5.82 -8.43
CA THR E 164 6.38 -7.18 -8.18
C THR E 164 5.23 -8.00 -7.60
N TRP E 165 5.40 -9.32 -7.57
CA TRP E 165 4.40 -10.23 -7.00
C TRP E 165 5.02 -11.03 -5.85
N ASN E 166 4.32 -11.11 -4.73
CA ASN E 166 4.82 -11.82 -3.56
C ASN E 166 6.22 -11.29 -3.16
N SER E 167 6.37 -9.97 -3.17
CA SER E 167 7.63 -9.30 -2.84
C SER E 167 8.80 -9.75 -3.71
N GLY E 168 8.53 -10.01 -4.99
CA GLY E 168 9.56 -10.38 -5.93
C GLY E 168 9.79 -11.88 -5.99
N THR E 169 9.12 -12.62 -5.12
CA THR E 169 9.26 -14.07 -5.03
C THR E 169 8.54 -14.80 -6.17
N LEU E 170 7.38 -14.29 -6.55
CA LEU E 170 6.63 -14.86 -7.67
C LEU E 170 7.09 -14.22 -8.97
N THR E 171 7.84 -14.97 -9.77
CA THR E 171 8.35 -14.45 -11.03
C THR E 171 7.82 -15.19 -12.27
N ASN E 172 7.49 -16.48 -12.12
CA ASN E 172 6.92 -17.25 -13.22
C ASN E 172 5.53 -16.78 -13.66
N GLY E 173 5.38 -16.48 -14.95
CA GLY E 173 4.06 -16.25 -15.51
C GLY E 173 3.49 -14.89 -15.23
N VAL E 174 4.37 -13.93 -14.94
CA VAL E 174 4.00 -12.54 -14.69
C VAL E 174 4.05 -11.76 -16.00
N ARG E 175 3.03 -10.95 -16.24
CA ARG E 175 3.08 -10.01 -17.37
C ARG E 175 2.70 -8.62 -16.89
N THR E 176 3.68 -7.73 -16.86
CA THR E 176 3.45 -6.35 -16.48
C THR E 176 3.52 -5.48 -17.72
N PHE E 177 2.37 -4.96 -18.14
CA PHE E 177 2.24 -4.25 -19.40
C PHE E 177 2.81 -2.84 -19.30
N PRO E 178 3.20 -2.25 -20.44
CA PRO E 178 3.59 -0.84 -20.43
C PRO E 178 2.45 0.01 -19.90
N SER E 179 2.78 1.16 -19.34
CA SER E 179 1.76 2.08 -18.85
C SER E 179 1.02 2.76 -19.99
N VAL E 180 -0.25 3.05 -19.76
CA VAL E 180 -1.05 3.87 -20.65
C VAL E 180 -1.50 5.13 -19.93
N ARG E 181 -2.00 6.09 -20.71
CA ARG E 181 -2.44 7.35 -20.15
C ARG E 181 -3.92 7.59 -20.40
N GLN E 182 -4.66 7.91 -19.33
CA GLN E 182 -6.07 8.27 -19.50
C GLN E 182 -6.19 9.70 -20.01
N SER E 183 -7.41 10.11 -20.34
CA SER E 183 -7.66 11.44 -20.88
C SER E 183 -7.15 12.55 -19.95
N SER E 184 -7.42 12.38 -18.66
CA SER E 184 -7.07 13.34 -17.62
C SER E 184 -5.56 13.60 -17.46
N GLY E 185 -4.73 12.71 -18.01
CA GLY E 185 -3.29 12.85 -17.88
C GLY E 185 -2.71 12.01 -16.75
N LEU E 186 -3.59 11.29 -16.04
CA LEU E 186 -3.17 10.31 -15.05
C LEU E 186 -2.72 9.03 -15.75
N TYR E 187 -1.84 8.26 -15.12
CA TYR E 187 -1.36 6.99 -15.68
C TYR E 187 -2.02 5.73 -15.08
N SER E 188 -2.08 4.69 -15.90
CA SER E 188 -2.51 3.36 -15.49
C SER E 188 -1.61 2.29 -16.07
N LEU E 189 -1.47 1.17 -15.37
CA LEU E 189 -0.92 -0.04 -15.98
C LEU E 189 -1.56 -1.27 -15.36
N SER E 190 -1.43 -2.39 -16.08
CA SER E 190 -1.92 -3.68 -15.63
C SER E 190 -0.76 -4.62 -15.39
N SER E 191 -0.91 -5.51 -14.42
CA SER E 191 0.00 -6.64 -14.26
C SER E 191 -0.81 -7.90 -13.94
N VAL E 192 -0.58 -8.97 -14.69
CA VAL E 192 -1.28 -10.23 -14.46
C VAL E 192 -0.32 -11.38 -14.21
N VAL E 193 -0.79 -12.38 -13.49
CA VAL E 193 0.02 -13.54 -13.22
C VAL E 193 -0.83 -14.81 -13.24
N SER E 194 -0.28 -15.84 -13.86
CA SER E 194 -0.96 -17.12 -13.96
C SER E 194 -0.48 -18.02 -12.84
N VAL E 195 -1.42 -18.62 -12.11
CA VAL E 195 -1.10 -19.51 -11.00
C VAL E 195 -2.06 -20.69 -10.97
N THR E 196 -1.68 -21.76 -10.27
CA THR E 196 -2.54 -22.93 -10.14
C THR E 196 -3.75 -22.56 -9.29
N SER E 197 -4.86 -23.27 -9.45
CA SER E 197 -6.00 -23.00 -8.58
C SER E 197 -5.73 -23.57 -7.19
N SER E 198 -4.82 -24.54 -7.12
CA SER E 198 -4.38 -25.10 -5.86
C SER E 198 -3.53 -24.11 -5.03
N SER E 199 -3.50 -22.85 -5.47
CA SER E 199 -2.59 -21.86 -4.90
C SER E 199 -3.16 -21.07 -3.72
N GLN E 200 -2.24 -20.60 -2.89
CA GLN E 200 -2.53 -19.62 -1.85
C GLN E 200 -2.74 -18.26 -2.49
N PRO E 201 -3.24 -17.30 -1.71
CA PRO E 201 -3.41 -15.93 -2.23
C PRO E 201 -2.08 -15.34 -2.75
N VAL E 202 -2.16 -14.58 -3.84
CA VAL E 202 -0.98 -13.94 -4.37
C VAL E 202 -1.07 -12.43 -4.14
N THR E 203 0.07 -11.74 -4.05
CA THR E 203 0.06 -10.31 -3.72
C THR E 203 0.89 -9.45 -4.68
N CYS E 204 0.27 -8.41 -5.23
CA CYS E 204 1.04 -7.49 -6.07
C CYS E 204 1.53 -6.32 -5.23
N ASN E 205 2.81 -5.96 -5.43
CA ASN E 205 3.45 -4.86 -4.70
C ASN E 205 3.74 -3.73 -5.66
N VAL E 206 3.07 -2.61 -5.43
CA VAL E 206 3.08 -1.51 -6.36
C VAL E 206 3.83 -0.33 -5.75
N ALA E 207 5.06 -0.13 -6.19
CA ALA E 207 5.88 0.96 -5.67
C ALA E 207 5.74 2.21 -6.54
N HIS E 208 5.44 3.35 -5.92
CA HIS E 208 5.39 4.62 -6.63
C HIS E 208 6.33 5.61 -5.97
N PRO E 209 7.56 5.67 -6.48
CA PRO E 209 8.63 6.42 -5.80
C PRO E 209 8.38 7.92 -5.67
N ALA E 210 7.61 8.53 -6.58
CA ALA E 210 7.37 9.97 -6.48
C ALA E 210 6.51 10.35 -5.24
N THR E 211 5.77 9.41 -4.68
CA THR E 211 4.98 9.73 -3.49
C THR E 211 5.43 8.91 -2.27
N ASN E 212 6.54 8.21 -2.40
CA ASN E 212 7.06 7.37 -1.33
C ASN E 212 6.02 6.33 -0.90
N THR E 213 5.29 5.80 -1.87
CA THR E 213 4.23 4.85 -1.60
C THR E 213 4.52 3.44 -2.12
N LYS E 214 4.25 2.44 -1.28
CA LYS E 214 4.15 1.07 -1.76
C LYS E 214 2.78 0.50 -1.36
N VAL E 215 2.06 -0.04 -2.32
CA VAL E 215 0.75 -0.62 -2.08
C VAL E 215 0.75 -2.11 -2.32
N ASP E 216 0.42 -2.87 -1.29
CA ASP E 216 0.29 -4.31 -1.41
C ASP E 216 -1.16 -4.71 -1.50
N LYS E 217 -1.56 -5.33 -2.61
CA LYS E 217 -2.91 -5.80 -2.81
C LYS E 217 -2.93 -7.31 -2.94
N THR E 218 -3.60 -7.99 -2.01
CA THR E 218 -3.67 -9.44 -2.07
C THR E 218 -4.90 -9.88 -2.87
N VAL E 219 -4.68 -10.69 -3.91
CA VAL E 219 -5.73 -11.08 -4.85
C VAL E 219 -6.07 -12.56 -4.71
N ALA E 220 -7.37 -12.87 -4.78
CA ALA E 220 -7.80 -14.27 -4.78
C ALA E 220 -8.95 -14.49 -5.77
N PRO E 221 -9.04 -15.71 -6.34
CA PRO E 221 -10.11 -16.01 -7.31
C PRO E 221 -11.50 -16.11 -6.67
N GLY F 2 49.27 12.22 -15.73
CA GLY F 2 48.64 11.14 -16.49
C GLY F 2 47.26 11.53 -17.00
N LYS F 3 47.15 11.78 -18.31
CA LYS F 3 45.89 12.18 -18.93
C LYS F 3 45.36 11.14 -19.93
N ALA F 4 44.10 11.27 -20.35
CA ALA F 4 43.56 10.39 -21.38
C ALA F 4 44.18 10.74 -22.71
N MET F 5 44.11 9.83 -23.67
CA MET F 5 44.63 10.14 -24.99
C MET F 5 43.49 10.44 -25.96
N TYR F 6 43.67 11.45 -26.79
CA TYR F 6 42.76 11.70 -27.90
C TYR F 6 42.98 10.65 -28.97
N ALA F 7 41.90 10.28 -29.66
CA ALA F 7 42.06 9.52 -30.89
C ALA F 7 42.80 10.41 -31.92
N PRO F 8 43.56 9.81 -32.84
CA PRO F 8 44.19 10.58 -33.91
C PRO F 8 43.18 11.24 -34.86
N PRO F 9 43.58 12.31 -35.56
CA PRO F 9 42.68 12.97 -36.53
C PRO F 9 42.08 12.01 -37.57
N ILE F 10 40.90 12.35 -38.06
CA ILE F 10 40.22 11.54 -39.06
C ILE F 10 41.09 11.43 -40.32
N ARG F 11 41.31 10.20 -40.79
CA ARG F 11 42.03 9.99 -42.05
C ARG F 11 41.20 10.50 -43.21
#